data_6V9F
#
_entry.id   6V9F
#
_cell.length_a   183.851
_cell.length_b   183.851
_cell.length_c   178.740
_cell.angle_alpha   90.000
_cell.angle_beta   90.000
_cell.angle_gamma   90.000
#
_symmetry.space_group_name_H-M   'I 4 2 2'
#
loop_
_entity.id
_entity.type
_entity.pdbx_description
1 polymer 'GTPase HRas'
2 polymer 'Son of sevenless homolog 1'
3 polymer 'GTPase HRas'
4 non-polymer 'PHOSPHOAMINOPHOSPHONIC ACID-GUANYLATE ESTER'
5 non-polymer 'MAGNESIUM ION'
6 non-polymer 'FORMIC ACID'
7 non-polymer 1-[(4-chlorophenyl)methyl]-1H-benzimidazol-2-amine
8 non-polymer GLYCEROL
9 non-polymer 'SODIUM ION'
10 water water
#
loop_
_entity_poly.entity_id
_entity_poly.type
_entity_poly.pdbx_seq_one_letter_code
_entity_poly.pdbx_strand_id
1 'polypeptide(L)'
;GMTEYKLVVVGAGGVGKSALTIQLIQNHFVDEYDPTIEDSYRKQVVIDGET(CSO)LLDILDTAGQEEASAMRDQYMRTG
EGFLCVFAINNTKSFEDIHQYREQIKRVKDSDDVPMVLVGNKCDLAARTVESRQAQDLARSYGIPYIETSAKTRQGVEDA
FYTLVREIRQH
;
A
2 'polypeptide(L)'
;GQMRLPSADVYRFAEPDSEENIIFEENMQPKAGIPIIKAGTVIKLIERLTYHMYADPNFVRTFLTTYRSFCKPQELLSLI
IERFEIPEPEPTEADRIAIENGDQPLSAELKRFRKEYIQPVQLRVLNVCRHWVEHHFYDFERDAYLLQRMEEFIGTVRGK
AMKKWVESITKIIQRKKIARDNGPGHNITFQSSPPTVEWHISRPGHIETFDLLTLHPIEIARQLTLLESDLYRAVQPSEL
VGSVWTKEDKEINSPNLLKMIRHTTNLTLWFEKCIVETENLEERVAVVSRIIEILQVFQELNNFNGVLEVVSAMNSSPVY
RLDHTFEQIPSRQKKILEEAHELSEDHYKKYLAKLRSINPPCVPFFGIYLTNILKTEEGNPEVLKRHGKELINFSKRRKV
AEITGEIQQYQNQPYCLRVESDIKRFFENLNPMGNSMEKEFTDYLFNKSLEIEPRNPKPLPRFPKKYSYPLKSPGVRPSN
PR
;
B
3 'polypeptide(L)'
;GMTEYKLVVVGAGGVGKSALTIQLIQNHFVDEYDPTIEDSYRKQVVIDGETCLLDILDTAGQEEYSAMRDQYMRTGEGFL
CVFAINNTKSFEDIHQYREQIKRVKDSDDVPMVLVGNKCDLAARTVESRQAQDLARSYGIPYIETSAKTRQGVEDAFYTL
VREIRQH
;
C
#
# COMPACT_ATOMS: atom_id res chain seq x y z
N MET A 2 -2.70 -14.92 10.05
CA MET A 2 -3.89 -14.39 9.40
C MET A 2 -4.47 -15.36 8.39
N THR A 3 -5.69 -15.81 8.65
CA THR A 3 -6.40 -16.68 7.72
C THR A 3 -7.13 -15.84 6.69
N GLU A 4 -7.14 -16.32 5.45
CA GLU A 4 -7.82 -15.64 4.36
C GLU A 4 -9.15 -16.31 4.06
N TYR A 5 -10.21 -15.52 3.88
CA TYR A 5 -11.56 -16.00 3.59
C TYR A 5 -12.06 -15.39 2.29
N LYS A 6 -12.58 -16.23 1.40
CA LYS A 6 -13.09 -15.76 0.10
C LYS A 6 -14.61 -15.70 0.17
N LEU A 7 -15.15 -14.49 0.28
CA LEU A 7 -16.58 -14.26 0.35
C LEU A 7 -17.07 -13.76 -1.00
N VAL A 8 -18.29 -14.16 -1.36
CA VAL A 8 -18.90 -13.75 -2.63
C VAL A 8 -20.30 -13.24 -2.33
N VAL A 9 -20.65 -12.09 -2.90
CA VAL A 9 -21.96 -11.46 -2.70
C VAL A 9 -22.76 -11.62 -3.99
N VAL A 10 -23.91 -12.29 -3.90
CA VAL A 10 -24.74 -12.62 -5.07
C VAL A 10 -26.19 -12.22 -4.81
N GLY A 11 -26.94 -12.08 -5.89
CA GLY A 11 -28.34 -11.69 -5.82
C GLY A 11 -28.73 -10.84 -7.02
N ALA A 12 -30.04 -10.61 -7.14
CA ALA A 12 -30.59 -9.93 -8.31
C ALA A 12 -30.05 -8.51 -8.45
N GLY A 13 -30.17 -7.96 -9.65
CA GLY A 13 -29.66 -6.62 -9.89
C GLY A 13 -30.40 -5.59 -9.04
N GLY A 14 -29.62 -4.67 -8.46
CA GLY A 14 -30.18 -3.55 -7.75
C GLY A 14 -30.57 -3.80 -6.32
N VAL A 15 -30.29 -4.98 -5.77
CA VAL A 15 -30.71 -5.24 -4.38
C VAL A 15 -29.79 -4.60 -3.36
N GLY A 16 -28.60 -4.13 -3.76
CA GLY A 16 -27.69 -3.47 -2.87
C GLY A 16 -26.43 -4.26 -2.53
N LYS A 17 -26.02 -5.19 -3.38
CA LYS A 17 -24.79 -5.94 -3.11
C LYS A 17 -23.59 -5.01 -3.02
N SER A 18 -23.48 -4.08 -3.97
CA SER A 18 -22.33 -3.18 -3.96
C SER A 18 -22.40 -2.19 -2.80
N ALA A 19 -23.59 -1.66 -2.53
CA ALA A 19 -23.72 -0.71 -1.42
C ALA A 19 -23.38 -1.38 -0.10
N LEU A 20 -23.82 -2.63 0.09
CA LEU A 20 -23.45 -3.38 1.29
C LEU A 20 -21.94 -3.52 1.41
N THR A 21 -21.30 -3.92 0.31
CA THR A 21 -19.86 -4.16 0.33
C THR A 21 -19.07 -2.88 0.59
N ILE A 22 -19.42 -1.80 -0.09
CA ILE A 22 -18.71 -0.54 0.10
C ILE A 22 -18.97 0.05 1.48
N GLN A 23 -20.17 -0.15 2.03
CA GLN A 23 -20.40 0.26 3.42
C GLN A 23 -19.49 -0.51 4.37
N LEU A 24 -19.32 -1.80 4.14
CA LEU A 24 -18.41 -2.59 4.98
C LEU A 24 -16.98 -2.11 4.84
N ILE A 25 -16.54 -1.87 3.60
CA ILE A 25 -15.14 -1.57 3.33
C ILE A 25 -14.78 -0.13 3.71
N GLN A 26 -15.63 0.84 3.36
CA GLN A 26 -15.28 2.25 3.47
C GLN A 26 -16.15 3.05 4.44
N ASN A 27 -17.19 2.45 5.03
CA ASN A 27 -18.13 3.17 5.89
C ASN A 27 -18.85 4.29 5.14
N HIS A 28 -19.11 4.07 3.84
CA HIS A 28 -19.73 5.06 2.97
C HIS A 28 -20.92 4.42 2.25
N PHE A 29 -22.03 5.15 2.14
CA PHE A 29 -23.21 4.66 1.42
C PHE A 29 -23.24 5.22 0.00
N VAL A 30 -23.28 4.33 -0.99
CA VAL A 30 -23.31 4.71 -2.40
C VAL A 30 -24.75 4.96 -2.82
N ASP A 31 -25.05 6.20 -3.19
CA ASP A 31 -26.38 6.57 -3.66
C ASP A 31 -26.62 6.13 -5.10
N GLU A 32 -25.57 6.12 -5.92
CA GLU A 32 -25.73 5.80 -7.33
C GLU A 32 -25.98 4.31 -7.53
N TYR A 33 -26.63 4.00 -8.65
CA TYR A 33 -26.90 2.63 -9.08
C TYR A 33 -26.07 2.41 -10.35
N ASP A 34 -24.82 1.97 -10.16
CA ASP A 34 -23.89 1.66 -11.25
C ASP A 34 -23.77 0.14 -11.33
N PRO A 35 -24.42 -0.51 -12.30
CA PRO A 35 -24.42 -1.99 -12.29
C PRO A 35 -23.02 -2.57 -12.39
N THR A 36 -22.75 -3.53 -11.51
CA THR A 36 -21.46 -4.17 -11.41
C THR A 36 -21.26 -5.22 -12.50
N ILE A 37 -20.01 -5.38 -12.94
CA ILE A 37 -19.61 -6.50 -13.79
C ILE A 37 -18.92 -7.51 -12.88
N GLU A 38 -17.79 -7.12 -12.29
CA GLU A 38 -17.20 -7.85 -11.17
C GLU A 38 -16.13 -7.01 -10.50
N ASP A 39 -16.24 -6.86 -9.18
CA ASP A 39 -15.33 -6.07 -8.37
C ASP A 39 -14.82 -6.93 -7.22
N SER A 40 -13.65 -6.58 -6.70
CA SER A 40 -13.10 -7.32 -5.57
CA SER A 40 -13.05 -7.32 -5.60
C SER A 40 -12.52 -6.34 -4.57
N TYR A 41 -12.64 -6.69 -3.28
CA TYR A 41 -12.21 -5.85 -2.18
C TYR A 41 -11.49 -6.72 -1.15
N ARG A 42 -10.61 -6.09 -0.36
CA ARG A 42 -9.94 -6.79 0.74
C ARG A 42 -10.13 -6.02 2.04
N LYS A 43 -10.25 -6.76 3.14
CA LYS A 43 -10.45 -6.12 4.45
C LYS A 43 -9.78 -6.98 5.53
N GLN A 44 -8.81 -6.40 6.22
CA GLN A 44 -8.27 -7.01 7.43
C GLN A 44 -9.16 -6.62 8.61
N VAL A 45 -9.56 -7.60 9.40
CA VAL A 45 -10.48 -7.34 10.50
C VAL A 45 -10.33 -8.44 11.53
N VAL A 46 -10.46 -8.08 12.81
CA VAL A 46 -10.42 -9.05 13.89
C VAL A 46 -11.85 -9.50 14.17
N ILE A 47 -12.10 -10.80 14.08
CA ILE A 47 -13.41 -11.40 14.32
C ILE A 47 -13.24 -12.48 15.37
N ASP A 48 -14.01 -12.40 16.46
CA ASP A 48 -13.89 -13.33 17.58
C ASP A 48 -12.43 -13.48 18.03
N GLY A 49 -11.72 -12.35 18.07
CA GLY A 49 -10.36 -12.32 18.57
C GLY A 49 -9.31 -12.85 17.62
N GLU A 50 -9.68 -13.20 16.39
CA GLU A 50 -8.72 -13.74 15.42
C GLU A 50 -8.65 -12.80 14.23
N THR A 51 -7.43 -12.44 13.83
CA THR A 51 -7.30 -11.54 12.71
C THR A 51 -7.48 -12.31 11.43
N LEU A 53 -8.22 -11.95 6.88
CA LEU A 53 -8.21 -11.15 5.68
C LEU A 53 -9.38 -11.61 4.82
N LEU A 54 -10.34 -10.73 4.63
CA LEU A 54 -11.51 -11.05 3.82
C LEU A 54 -11.25 -10.61 2.39
N ASP A 55 -11.39 -11.54 1.44
CA ASP A 55 -11.45 -11.21 0.02
C ASP A 55 -12.91 -11.24 -0.37
N ILE A 56 -13.45 -10.10 -0.83
CA ILE A 56 -14.88 -10.00 -1.07
C ILE A 56 -15.09 -9.79 -2.55
N LEU A 57 -15.80 -10.71 -3.18
CA LEU A 57 -16.10 -10.63 -4.60
C LEU A 57 -17.52 -10.08 -4.73
N ASP A 58 -17.66 -8.95 -5.42
CA ASP A 58 -18.93 -8.28 -5.64
C ASP A 58 -19.37 -8.55 -7.08
N THR A 59 -20.49 -9.25 -7.26
CA THR A 59 -20.82 -9.83 -8.57
C THR A 59 -21.96 -9.06 -9.26
N ALA A 60 -22.23 -9.46 -10.49
CA ALA A 60 -23.24 -8.82 -11.33
C ALA A 60 -24.62 -9.44 -11.09
N GLY A 61 -25.60 -8.59 -10.79
CA GLY A 61 -26.96 -9.03 -10.69
C GLY A 61 -27.74 -8.95 -12.00
N GLN A 62 -27.31 -8.13 -12.95
CA GLN A 62 -28.07 -7.98 -14.19
C GLN A 62 -28.12 -9.31 -14.93
N GLU A 63 -29.29 -9.63 -15.49
CA GLU A 63 -29.48 -10.92 -16.15
C GLU A 63 -28.57 -11.09 -17.36
N GLU A 64 -28.12 -10.00 -17.97
CA GLU A 64 -27.23 -10.10 -19.12
C GLU A 64 -25.90 -10.75 -18.78
N ALA A 65 -25.55 -10.83 -17.50
CA ALA A 65 -24.32 -11.50 -17.07
C ALA A 65 -24.57 -12.89 -16.48
N SER A 66 -25.77 -13.44 -16.67
CA SER A 66 -26.13 -14.67 -15.94
C SER A 66 -25.36 -15.90 -16.41
N ALA A 67 -24.69 -15.86 -17.56
CA ALA A 67 -23.94 -17.00 -18.05
C ALA A 67 -22.49 -17.00 -17.58
N MET A 68 -22.10 -16.08 -16.70
CA MET A 68 -20.70 -15.91 -16.31
C MET A 68 -20.47 -16.21 -14.83
N ARG A 69 -21.32 -17.03 -14.22
CA ARG A 69 -21.30 -17.19 -12.76
C ARG A 69 -20.49 -18.37 -12.27
N ASP A 70 -20.41 -19.46 -13.05
CA ASP A 70 -19.70 -20.65 -12.56
C ASP A 70 -18.29 -20.32 -12.08
N GLN A 71 -17.59 -19.46 -12.82
CA GLN A 71 -16.18 -19.17 -12.53
C GLN A 71 -16.02 -18.56 -11.13
N TYR A 72 -16.91 -17.66 -10.72
CA TYR A 72 -16.71 -17.10 -9.38
C TYR A 72 -17.28 -18.00 -8.29
N MET A 73 -18.27 -18.84 -8.62
CA MET A 73 -18.79 -19.76 -7.62
C MET A 73 -17.78 -20.85 -7.28
N ARG A 74 -16.92 -21.23 -8.23
CA ARG A 74 -15.90 -22.24 -7.96
C ARG A 74 -14.92 -21.74 -6.89
N THR A 75 -14.54 -20.47 -6.95
CA THR A 75 -13.50 -19.97 -6.07
C THR A 75 -14.02 -19.57 -4.70
N GLY A 76 -15.30 -19.18 -4.61
CA GLY A 76 -15.80 -18.65 -3.35
C GLY A 76 -15.91 -19.71 -2.27
N GLU A 77 -15.61 -19.32 -1.03
CA GLU A 77 -15.78 -20.22 0.09
CA GLU A 77 -15.77 -20.20 0.11
C GLU A 77 -17.11 -20.03 0.81
N GLY A 78 -17.69 -18.85 0.74
CA GLY A 78 -18.97 -18.59 1.36
C GLY A 78 -19.69 -17.51 0.57
N PHE A 79 -21.02 -17.50 0.68
CA PHE A 79 -21.84 -16.65 -0.19
C PHE A 79 -22.87 -15.89 0.64
N LEU A 80 -22.92 -14.58 0.44
CA LEU A 80 -24.03 -13.76 0.93
C LEU A 80 -25.07 -13.74 -0.17
N CYS A 81 -26.25 -14.30 0.08
CA CYS A 81 -27.34 -14.33 -0.88
C CYS A 81 -28.30 -13.20 -0.55
N VAL A 82 -28.28 -12.14 -1.35
CA VAL A 82 -28.92 -10.87 -1.02
C VAL A 82 -30.19 -10.69 -1.86
N PHE A 83 -31.27 -10.31 -1.20
CA PHE A 83 -32.45 -9.78 -1.86
C PHE A 83 -32.81 -8.46 -1.17
N ALA A 84 -33.75 -7.73 -1.75
CA ALA A 84 -34.23 -6.47 -1.16
C ALA A 84 -35.65 -6.69 -0.65
N ILE A 85 -35.93 -6.21 0.56
CA ILE A 85 -37.18 -6.55 1.24
C ILE A 85 -38.36 -5.79 0.63
N ASN A 86 -38.08 -4.88 -0.32
CA ASN A 86 -39.13 -4.21 -1.07
C ASN A 86 -39.20 -4.67 -2.52
N ASN A 87 -38.61 -5.82 -2.85
N ASN A 87 -38.64 -5.85 -2.82
CA ASN A 87 -38.66 -6.34 -4.21
CA ASN A 87 -38.55 -6.37 -4.18
C ASN A 87 -38.90 -7.84 -4.15
C ASN A 87 -38.84 -7.87 -4.12
N THR A 88 -40.16 -8.24 -4.38
N THR A 88 -40.11 -8.26 -4.34
CA THR A 88 -40.53 -9.64 -4.25
CA THR A 88 -40.46 -9.67 -4.21
C THR A 88 -39.81 -10.51 -5.28
C THR A 88 -39.80 -10.53 -5.29
N LYS A 89 -39.59 -9.98 -6.49
CA LYS A 89 -38.92 -10.76 -7.52
C LYS A 89 -37.49 -11.11 -7.09
N SER A 90 -36.80 -10.17 -6.43
CA SER A 90 -35.44 -10.48 -5.98
C SER A 90 -35.43 -11.59 -4.95
N PHE A 91 -36.48 -11.68 -4.13
CA PHE A 91 -36.57 -12.79 -3.19
C PHE A 91 -36.84 -14.11 -3.92
N GLU A 92 -37.70 -14.09 -4.92
CA GLU A 92 -37.95 -15.29 -5.72
C GLU A 92 -36.69 -15.72 -6.49
N ASP A 93 -35.80 -14.78 -6.80
CA ASP A 93 -34.56 -15.13 -7.48
C ASP A 93 -33.55 -15.84 -6.59
N ILE A 94 -33.72 -15.77 -5.25
CA ILE A 94 -32.73 -16.34 -4.33
C ILE A 94 -32.53 -17.82 -4.59
N HIS A 95 -33.61 -18.56 -4.84
CA HIS A 95 -33.44 -20.00 -4.93
C HIS A 95 -32.62 -20.39 -6.16
N GLN A 96 -32.68 -19.63 -7.26
CA GLN A 96 -31.82 -19.91 -8.41
C GLN A 96 -30.34 -19.80 -8.04
N TYR A 97 -29.97 -18.78 -7.27
CA TYR A 97 -28.58 -18.64 -6.82
C TYR A 97 -28.19 -19.78 -5.90
N ARG A 98 -29.05 -20.12 -4.94
CA ARG A 98 -28.75 -21.22 -4.02
C ARG A 98 -28.53 -22.52 -4.78
N GLU A 99 -29.38 -22.81 -5.77
CA GLU A 99 -29.25 -24.07 -6.49
C GLU A 99 -28.01 -24.07 -7.39
N GLN A 100 -27.69 -22.94 -8.01
CA GLN A 100 -26.51 -22.90 -8.87
C GLN A 100 -25.24 -23.08 -8.04
N ILE A 101 -25.16 -22.42 -6.89
CA ILE A 101 -23.99 -22.57 -6.03
C ILE A 101 -23.80 -24.03 -5.64
N LYS A 102 -24.90 -24.68 -5.23
CA LYS A 102 -24.83 -26.08 -4.85
C LYS A 102 -24.36 -26.95 -6.01
N ARG A 103 -24.85 -26.69 -7.22
N ARG A 103 -24.84 -26.67 -7.23
CA ARG A 103 -24.43 -27.49 -8.37
CA ARG A 103 -24.45 -27.46 -8.39
C ARG A 103 -22.95 -27.28 -8.65
C ARG A 103 -22.98 -27.28 -8.72
N VAL A 104 -22.50 -26.02 -8.72
CA VAL A 104 -21.13 -25.74 -9.09
C VAL A 104 -20.15 -26.31 -8.08
N LYS A 105 -20.41 -26.08 -6.79
CA LYS A 105 -19.51 -26.59 -5.78
C LYS A 105 -19.76 -28.06 -5.45
N ASP A 106 -20.77 -28.67 -6.10
CA ASP A 106 -21.12 -30.08 -5.90
C ASP A 106 -21.21 -30.40 -4.42
N SER A 107 -22.04 -29.63 -3.72
CA SER A 107 -22.11 -29.74 -2.27
C SER A 107 -23.44 -29.22 -1.78
N ASP A 108 -24.00 -29.93 -0.79
CA ASP A 108 -25.20 -29.51 -0.08
C ASP A 108 -24.87 -28.67 1.15
N ASP A 109 -23.59 -28.45 1.43
CA ASP A 109 -23.13 -27.87 2.68
C ASP A 109 -22.18 -26.70 2.44
N VAL A 110 -22.62 -25.72 1.65
CA VAL A 110 -21.83 -24.54 1.34
C VAL A 110 -22.16 -23.44 2.35
N PRO A 111 -21.16 -22.79 2.96
CA PRO A 111 -21.46 -21.66 3.86
C PRO A 111 -22.22 -20.55 3.15
N MET A 112 -23.37 -20.18 3.71
N MET A 112 -23.37 -20.17 3.71
CA MET A 112 -24.18 -19.12 3.14
CA MET A 112 -24.17 -19.11 3.13
C MET A 112 -24.91 -18.36 4.25
C MET A 112 -24.93 -18.37 4.22
N VAL A 113 -25.26 -17.12 3.94
CA VAL A 113 -26.14 -16.30 4.77
C VAL A 113 -27.18 -15.69 3.85
N LEU A 114 -28.45 -15.75 4.26
CA LEU A 114 -29.53 -15.06 3.54
C LEU A 114 -29.63 -13.63 4.06
N VAL A 115 -29.59 -12.65 3.16
CA VAL A 115 -29.57 -11.24 3.54
C VAL A 115 -30.77 -10.53 2.92
N GLY A 116 -31.61 -9.93 3.76
CA GLY A 116 -32.69 -9.08 3.28
C GLY A 116 -32.32 -7.62 3.43
N ASN A 117 -31.94 -6.96 2.32
CA ASN A 117 -31.36 -5.63 2.38
C ASN A 117 -32.44 -4.54 2.20
N LYS A 118 -32.02 -3.29 2.45
CA LYS A 118 -32.86 -2.09 2.37
C LYS A 118 -33.88 -2.04 3.51
N CYS A 119 -33.50 -2.54 4.69
CA CYS A 119 -34.46 -2.60 5.80
C CYS A 119 -34.74 -1.24 6.42
N ASP A 120 -34.08 -0.18 5.93
CA ASP A 120 -34.42 1.18 6.32
C ASP A 120 -35.70 1.67 5.66
N LEU A 121 -36.15 1.01 4.60
CA LEU A 121 -37.33 1.45 3.87
C LEU A 121 -38.59 0.90 4.53
N ALA A 122 -39.60 1.78 4.69
CA ALA A 122 -40.84 1.37 5.34
C ALA A 122 -41.66 0.42 4.48
N ALA A 123 -41.66 0.64 3.16
CA ALA A 123 -42.58 -0.06 2.24
C ALA A 123 -42.02 -1.45 1.91
N ARG A 124 -42.15 -2.35 2.87
CA ARG A 124 -41.68 -3.72 2.72
C ARG A 124 -42.71 -4.56 1.97
N THR A 125 -42.23 -5.44 1.08
CA THR A 125 -43.13 -6.38 0.39
C THR A 125 -42.81 -7.84 0.66
N VAL A 126 -41.65 -8.14 1.24
CA VAL A 126 -41.28 -9.49 1.67
C VAL A 126 -41.25 -9.51 3.18
N GLU A 127 -42.10 -10.34 3.79
CA GLU A 127 -42.16 -10.37 5.24
C GLU A 127 -40.98 -11.17 5.81
N SER A 128 -40.52 -10.76 7.00
CA SER A 128 -39.40 -11.45 7.63
C SER A 128 -39.68 -12.93 7.79
N ARG A 129 -40.92 -13.28 8.15
CA ARG A 129 -41.26 -14.69 8.37
C ARG A 129 -41.04 -15.52 7.11
N GLN A 130 -41.45 -15.01 5.95
CA GLN A 130 -41.26 -15.76 4.70
C GLN A 130 -39.78 -15.98 4.40
N ALA A 131 -38.96 -14.95 4.61
CA ALA A 131 -37.51 -15.13 4.41
C ALA A 131 -36.92 -16.07 5.45
N GLN A 132 -37.37 -15.96 6.70
CA GLN A 132 -36.84 -16.84 7.73
C GLN A 132 -37.18 -18.30 7.45
N ASP A 133 -38.41 -18.57 6.98
CA ASP A 133 -38.78 -19.94 6.62
C ASP A 133 -37.83 -20.50 5.56
N LEU A 134 -37.52 -19.69 4.54
CA LEU A 134 -36.61 -20.12 3.49
C LEU A 134 -35.22 -20.42 4.05
N ALA A 135 -34.70 -19.50 4.87
CA ALA A 135 -33.39 -19.72 5.46
C ALA A 135 -33.35 -21.00 6.28
N ARG A 136 -34.40 -21.27 7.07
CA ARG A 136 -34.42 -22.52 7.84
C ARG A 136 -34.38 -23.74 6.91
N SER A 137 -35.07 -23.66 5.76
CA SER A 137 -35.07 -24.78 4.83
C SER A 137 -33.69 -25.01 4.22
N TYR A 138 -32.86 -23.97 4.19
CA TYR A 138 -31.48 -24.05 3.74
C TYR A 138 -30.50 -24.35 4.86
N GLY A 139 -30.94 -24.28 6.12
CA GLY A 139 -30.03 -24.45 7.23
C GLY A 139 -29.11 -23.27 7.49
N ILE A 140 -29.52 -22.06 7.12
CA ILE A 140 -28.62 -20.90 7.21
C ILE A 140 -29.32 -19.76 7.94
N PRO A 141 -28.54 -18.82 8.50
CA PRO A 141 -29.16 -17.68 9.20
C PRO A 141 -29.71 -16.67 8.21
N TYR A 142 -30.65 -15.86 8.70
CA TYR A 142 -31.23 -14.77 7.95
C TYR A 142 -30.96 -13.46 8.70
N ILE A 143 -30.37 -12.49 8.00
CA ILE A 143 -29.98 -11.22 8.62
C ILE A 143 -30.53 -10.10 7.74
N GLU A 144 -31.31 -9.19 8.34
CA GLU A 144 -31.76 -8.02 7.59
C GLU A 144 -30.77 -6.87 7.76
N THR A 145 -30.52 -6.15 6.67
CA THR A 145 -29.46 -5.17 6.61
C THR A 145 -29.95 -3.87 5.97
N SER A 146 -29.21 -2.79 6.26
CA SER A 146 -29.33 -1.55 5.49
C SER A 146 -27.93 -1.06 5.16
N ALA A 147 -27.58 -1.05 3.88
CA ALA A 147 -26.33 -0.45 3.46
C ALA A 147 -26.33 1.06 3.71
N LYS A 148 -27.51 1.66 3.86
CA LYS A 148 -27.62 3.11 4.11
C LYS A 148 -27.30 3.45 5.56
N THR A 149 -27.87 2.72 6.52
CA THR A 149 -27.70 3.06 7.93
C THR A 149 -26.63 2.25 8.63
N ARG A 150 -26.13 1.16 7.99
CA ARG A 150 -25.19 0.16 8.49
C ARG A 150 -25.88 -0.92 9.33
N GLN A 151 -27.18 -0.83 9.59
CA GLN A 151 -27.86 -1.85 10.38
C GLN A 151 -27.58 -3.24 9.80
N GLY A 152 -27.09 -4.14 10.65
CA GLY A 152 -26.89 -5.53 10.27
C GLY A 152 -25.72 -5.82 9.35
N VAL A 153 -24.99 -4.80 8.88
CA VAL A 153 -24.01 -5.04 7.81
C VAL A 153 -22.84 -5.89 8.31
N GLU A 154 -22.22 -5.49 9.43
CA GLU A 154 -21.14 -6.30 9.98
C GLU A 154 -21.64 -7.68 10.37
N ASP A 155 -22.83 -7.74 10.95
CA ASP A 155 -23.41 -9.02 11.35
C ASP A 155 -23.50 -9.98 10.18
N ALA A 156 -23.92 -9.47 9.01
CA ALA A 156 -24.11 -10.36 7.86
C ALA A 156 -22.77 -10.92 7.38
N PHE A 157 -21.79 -10.05 7.15
CA PHE A 157 -20.50 -10.50 6.65
C PHE A 157 -19.77 -11.35 7.68
N TYR A 158 -19.78 -10.94 8.94
CA TYR A 158 -18.98 -11.67 9.91
C TYR A 158 -19.63 -12.99 10.30
N THR A 159 -20.97 -13.08 10.24
CA THR A 159 -21.62 -14.37 10.40
C THR A 159 -21.18 -15.33 9.32
N LEU A 160 -21.05 -14.85 8.07
CA LEU A 160 -20.58 -15.71 7.00
C LEU A 160 -19.15 -16.19 7.25
N VAL A 161 -18.29 -15.31 7.77
CA VAL A 161 -16.93 -15.71 8.12
C VAL A 161 -16.95 -16.86 9.12
N ARG A 162 -17.80 -16.74 10.16
CA ARG A 162 -17.86 -17.78 11.19
C ARG A 162 -18.30 -19.11 10.60
N GLU A 163 -19.20 -19.07 9.62
CA GLU A 163 -19.64 -20.30 8.98
C GLU A 163 -18.53 -20.94 8.17
N ILE A 164 -17.73 -20.13 7.47
CA ILE A 164 -16.58 -20.68 6.76
C ILE A 164 -15.58 -21.26 7.76
N ARG A 165 -15.34 -20.53 8.85
CA ARG A 165 -14.39 -20.98 9.85
C ARG A 165 -14.78 -22.34 10.45
N GLN A 166 -16.07 -22.55 10.66
CA GLN A 166 -16.54 -23.80 11.26
C GLN A 166 -16.82 -24.88 10.22
N HIS A 167 -16.65 -24.58 8.93
CA HIS A 167 -16.97 -25.54 7.87
C HIS A 167 -16.05 -26.76 7.91
N GLY B 1 -17.05 -30.29 -27.79
CA GLY B 1 -15.68 -29.80 -27.88
C GLY B 1 -15.58 -28.31 -27.65
N GLN B 2 -14.36 -27.79 -27.68
CA GLN B 2 -14.17 -26.36 -27.49
C GLN B 2 -14.78 -25.57 -28.65
N MET B 3 -15.12 -24.32 -28.36
CA MET B 3 -15.59 -23.43 -29.41
C MET B 3 -14.45 -23.18 -30.39
N ARG B 4 -14.80 -23.11 -31.65
CA ARG B 4 -13.84 -22.62 -32.63
C ARG B 4 -13.70 -21.10 -32.49
N LEU B 5 -12.53 -20.60 -32.90
CA LEU B 5 -12.17 -19.21 -32.74
C LEU B 5 -12.06 -18.52 -34.09
N PRO B 6 -12.10 -17.19 -34.13
CA PRO B 6 -11.79 -16.51 -35.39
C PRO B 6 -10.37 -16.85 -35.82
N SER B 7 -10.14 -16.72 -37.13
CA SER B 7 -8.78 -16.85 -37.66
C SER B 7 -7.86 -15.82 -37.01
N ALA B 8 -6.67 -16.27 -36.61
CA ALA B 8 -5.71 -15.36 -35.98
C ALA B 8 -5.24 -14.28 -36.95
N ASP B 9 -5.55 -14.42 -38.24
CA ASP B 9 -5.21 -13.39 -39.23
C ASP B 9 -6.17 -12.21 -39.20
N VAL B 10 -7.43 -12.43 -38.83
CA VAL B 10 -8.38 -11.33 -38.70
C VAL B 10 -8.60 -10.90 -37.25
N TYR B 11 -8.15 -11.70 -36.28
CA TYR B 11 -8.34 -11.37 -34.87
C TYR B 11 -7.12 -11.87 -34.12
N ARG B 12 -6.25 -10.95 -33.71
CA ARG B 12 -4.94 -11.30 -33.17
C ARG B 12 -5.02 -12.06 -31.84
N PHE B 13 -6.12 -11.94 -31.11
CA PHE B 13 -6.19 -12.54 -29.79
C PHE B 13 -6.60 -14.02 -29.82
N ALA B 14 -6.65 -14.63 -31.01
CA ALA B 14 -6.97 -16.04 -31.14
C ALA B 14 -5.73 -16.87 -31.42
N GLU B 15 -4.55 -16.26 -31.39
CA GLU B 15 -3.32 -17.02 -31.57
C GLU B 15 -3.19 -18.03 -30.43
N PRO B 16 -2.74 -19.25 -30.71
CA PRO B 16 -2.57 -20.23 -29.63
C PRO B 16 -1.50 -19.82 -28.62
N ASP B 17 -1.74 -20.18 -27.36
CA ASP B 17 -0.71 -20.04 -26.33
C ASP B 17 0.51 -20.84 -26.72
N SER B 18 1.70 -20.26 -26.50
CA SER B 18 2.94 -21.01 -26.64
C SER B 18 3.96 -20.36 -25.72
N GLU B 19 5.07 -21.08 -25.49
CA GLU B 19 6.13 -20.48 -24.68
C GLU B 19 6.79 -19.30 -25.36
N GLU B 20 6.54 -19.08 -26.65
CA GLU B 20 7.03 -17.89 -27.32
C GLU B 20 6.17 -16.66 -27.07
N ASN B 21 4.98 -16.81 -26.47
CA ASN B 21 4.16 -15.64 -26.18
C ASN B 21 3.55 -15.59 -24.77
N ILE B 22 3.62 -16.65 -23.98
CA ILE B 22 3.11 -16.58 -22.61
C ILE B 22 3.77 -17.67 -21.77
N ILE B 23 4.09 -17.34 -20.53
CA ILE B 23 4.69 -18.28 -19.58
C ILE B 23 3.93 -18.19 -18.27
N PHE B 24 3.50 -19.34 -17.74
CA PHE B 24 2.75 -19.38 -16.50
C PHE B 24 3.65 -19.77 -15.34
N GLU B 25 3.30 -19.28 -14.15
CA GLU B 25 3.95 -19.77 -12.94
C GLU B 25 3.54 -21.22 -12.67
N GLU B 26 4.38 -21.92 -11.92
CA GLU B 26 4.06 -23.27 -11.49
C GLU B 26 2.98 -23.27 -10.41
N GLY B 33 -8.65 -21.86 -9.05
CA GLY B 33 -7.46 -22.42 -9.64
C GLY B 33 -7.16 -21.87 -11.02
N ILE B 34 -7.15 -20.54 -11.14
CA ILE B 34 -6.86 -19.91 -12.42
C ILE B 34 -5.36 -19.75 -12.56
N PRO B 35 -4.82 -19.79 -13.78
CA PRO B 35 -3.36 -19.72 -13.95
C PRO B 35 -2.82 -18.35 -13.55
N ILE B 36 -1.56 -18.35 -13.13
CA ILE B 36 -0.84 -17.13 -12.78
C ILE B 36 0.23 -16.89 -13.84
N ILE B 37 0.24 -15.70 -14.42
CA ILE B 37 1.11 -15.39 -15.55
C ILE B 37 2.45 -14.89 -15.04
N LYS B 38 3.53 -15.53 -15.48
CA LYS B 38 4.87 -15.05 -15.18
C LYS B 38 5.30 -14.00 -16.20
N ALA B 39 5.04 -14.24 -17.49
CA ALA B 39 5.50 -13.34 -18.55
C ALA B 39 4.63 -13.57 -19.77
N GLY B 40 4.59 -12.55 -20.64
CA GLY B 40 3.86 -12.71 -21.90
C GLY B 40 4.01 -11.49 -22.77
N THR B 41 3.60 -11.64 -24.04
CA THR B 41 3.47 -10.47 -24.90
C THR B 41 2.31 -9.62 -24.42
N VAL B 42 2.31 -8.33 -24.83
CA VAL B 42 1.20 -7.48 -24.43
C VAL B 42 -0.11 -8.01 -24.97
N ILE B 43 -0.12 -8.61 -26.16
CA ILE B 43 -1.34 -9.18 -26.72
C ILE B 43 -1.87 -10.29 -25.82
N LYS B 44 -0.98 -11.17 -25.35
CA LYS B 44 -1.42 -12.26 -24.47
C LYS B 44 -1.85 -11.74 -23.11
N LEU B 45 -1.18 -10.70 -22.59
CA LEU B 45 -1.62 -10.14 -21.32
C LEU B 45 -3.03 -9.58 -21.42
N ILE B 46 -3.33 -8.90 -22.53
CA ILE B 46 -4.65 -8.31 -22.69
C ILE B 46 -5.70 -9.39 -22.93
N GLU B 47 -5.34 -10.44 -23.68
CA GLU B 47 -6.24 -11.58 -23.82
C GLU B 47 -6.64 -12.14 -22.46
N ARG B 48 -5.65 -12.40 -21.59
CA ARG B 48 -5.94 -13.00 -20.31
C ARG B 48 -6.59 -12.00 -19.36
N LEU B 49 -6.33 -10.70 -19.55
CA LEU B 49 -7.01 -9.66 -18.79
C LEU B 49 -8.52 -9.68 -19.03
N THR B 50 -8.94 -10.18 -20.19
CA THR B 50 -10.32 -10.13 -20.61
C THR B 50 -10.76 -11.52 -21.08
N TYR B 51 -10.39 -12.54 -20.32
CA TYR B 51 -10.49 -13.92 -20.79
C TYR B 51 -11.93 -14.42 -20.78
N HIS B 52 -12.29 -15.23 -21.79
CA HIS B 52 -13.68 -15.67 -21.88
C HIS B 52 -14.05 -16.72 -20.82
N MET B 53 -13.08 -17.43 -20.24
CA MET B 53 -13.39 -18.51 -19.31
CA MET B 53 -13.40 -18.51 -19.32
C MET B 53 -13.55 -18.06 -17.87
N TYR B 54 -12.95 -16.95 -17.48
CA TYR B 54 -13.04 -16.56 -16.08
C TYR B 54 -12.72 -15.08 -15.94
N ALA B 55 -13.22 -14.50 -14.85
CA ALA B 55 -12.86 -13.15 -14.46
C ALA B 55 -11.68 -13.21 -13.49
N ASP B 56 -10.91 -12.14 -13.46
CA ASP B 56 -9.71 -12.06 -12.62
C ASP B 56 -9.59 -10.62 -12.12
N PRO B 57 -10.45 -10.22 -11.19
CA PRO B 57 -10.46 -8.81 -10.77
C PRO B 57 -9.14 -8.35 -10.18
N ASN B 58 -8.40 -9.26 -9.51
CA ASN B 58 -7.08 -8.89 -9.01
CA ASN B 58 -7.09 -8.87 -9.01
C ASN B 58 -6.14 -8.58 -10.15
N PHE B 59 -6.20 -9.36 -11.23
CA PHE B 59 -5.38 -9.11 -12.40
C PHE B 59 -5.70 -7.76 -13.03
N VAL B 60 -6.99 -7.40 -13.06
CA VAL B 60 -7.38 -6.11 -13.61
C VAL B 60 -6.73 -4.98 -12.82
N ARG B 61 -6.80 -5.06 -11.49
CA ARG B 61 -6.15 -4.05 -10.67
C ARG B 61 -4.65 -4.04 -10.87
N THR B 62 -4.02 -5.22 -10.85
N THR B 62 -4.01 -5.21 -10.90
CA THR B 62 -2.58 -5.31 -11.06
CA THR B 62 -2.56 -5.25 -11.05
C THR B 62 -2.18 -4.68 -12.39
C THR B 62 -2.12 -4.74 -12.42
N PHE B 63 -2.90 -5.05 -13.46
CA PHE B 63 -2.57 -4.56 -14.80
C PHE B 63 -2.76 -3.06 -14.88
N LEU B 64 -3.92 -2.55 -14.43
CA LEU B 64 -4.19 -1.12 -14.59
C LEU B 64 -3.27 -0.29 -13.69
N THR B 65 -2.79 -0.86 -12.59
CA THR B 65 -1.85 -0.13 -11.74
C THR B 65 -0.47 -0.01 -12.37
N THR B 66 -0.02 -1.06 -13.10
CA THR B 66 1.38 -1.16 -13.48
C THR B 66 1.66 -1.12 -14.98
N TYR B 67 0.66 -1.05 -15.86
CA TYR B 67 0.92 -1.32 -17.27
C TYR B 67 1.77 -0.24 -17.95
N ARG B 68 1.85 0.96 -17.38
CA ARG B 68 2.50 2.03 -18.13
C ARG B 68 4.00 1.80 -18.30
N SER B 69 4.58 0.88 -17.51
CA SER B 69 5.98 0.50 -17.68
C SER B 69 6.22 -0.35 -18.91
N PHE B 70 5.16 -0.88 -19.55
CA PHE B 70 5.35 -1.63 -20.78
C PHE B 70 4.39 -1.27 -21.92
N CYS B 71 3.41 -0.39 -21.70
CA CYS B 71 2.44 -0.05 -22.74
C CYS B 71 1.93 1.37 -22.50
N LYS B 72 1.89 2.20 -23.55
CA LYS B 72 1.41 3.56 -23.33
C LYS B 72 -0.10 3.57 -23.17
N PRO B 73 -0.67 4.54 -22.42
CA PRO B 73 -2.14 4.58 -22.29
C PRO B 73 -2.87 4.60 -23.62
N GLN B 74 -2.39 5.39 -24.60
CA GLN B 74 -3.08 5.43 -25.90
C GLN B 74 -3.05 4.06 -26.57
N GLU B 75 -1.95 3.33 -26.42
CA GLU B 75 -1.85 2.02 -27.06
C GLU B 75 -2.71 1.00 -26.35
N LEU B 76 -2.82 1.08 -25.03
CA LEU B 76 -3.71 0.19 -24.29
C LEU B 76 -5.15 0.34 -24.78
N LEU B 77 -5.62 1.58 -24.94
CA LEU B 77 -6.98 1.78 -25.40
C LEU B 77 -7.18 1.19 -26.80
N SER B 78 -6.23 1.42 -27.70
CA SER B 78 -6.34 0.81 -29.03
C SER B 78 -6.43 -0.71 -28.94
N LEU B 79 -5.64 -1.31 -28.05
CA LEU B 79 -5.62 -2.76 -27.95
C LEU B 79 -6.91 -3.32 -27.35
N ILE B 80 -7.51 -2.63 -26.38
CA ILE B 80 -8.73 -3.24 -25.84
C ILE B 80 -9.91 -2.99 -26.77
N ILE B 81 -9.88 -1.90 -27.55
CA ILE B 81 -10.90 -1.74 -28.59
C ILE B 81 -10.77 -2.84 -29.62
N GLU B 82 -9.54 -3.16 -30.01
CA GLU B 82 -9.31 -4.28 -30.93
C GLU B 82 -9.80 -5.59 -30.34
N ARG B 83 -9.56 -5.80 -29.03
CA ARG B 83 -10.07 -6.99 -28.34
C ARG B 83 -11.60 -7.06 -28.41
N PHE B 84 -12.26 -5.91 -28.27
CA PHE B 84 -13.71 -5.84 -28.21
C PHE B 84 -14.37 -6.25 -29.52
N GLU B 85 -13.73 -5.93 -30.66
CA GLU B 85 -14.37 -6.08 -31.98
C GLU B 85 -14.12 -7.50 -32.49
N ILE B 86 -14.94 -8.43 -32.01
CA ILE B 86 -14.77 -9.86 -32.29
C ILE B 86 -15.66 -10.22 -33.48
N PRO B 87 -15.11 -10.88 -34.51
CA PRO B 87 -15.95 -11.29 -35.64
C PRO B 87 -16.80 -12.50 -35.31
N GLU B 88 -18.04 -12.51 -35.87
CA GLU B 88 -18.90 -13.66 -35.65
C GLU B 88 -18.65 -14.74 -36.71
N PRO B 89 -18.83 -16.01 -36.35
CA PRO B 89 -18.58 -17.08 -37.33
C PRO B 89 -19.66 -17.13 -38.41
N GLU B 90 -19.29 -17.74 -39.53
CA GLU B 90 -20.23 -17.94 -40.63
C GLU B 90 -21.20 -19.07 -40.32
N PRO B 91 -22.35 -19.13 -41.01
CA PRO B 91 -23.27 -20.25 -40.82
C PRO B 91 -22.59 -21.58 -41.11
N THR B 92 -22.97 -22.60 -40.35
CA THR B 92 -22.43 -23.93 -40.52
C THR B 92 -23.18 -24.66 -41.63
N GLU B 93 -22.75 -25.89 -41.93
CA GLU B 93 -23.37 -26.68 -42.97
C GLU B 93 -24.85 -26.93 -42.67
N ALA B 94 -25.19 -27.22 -41.41
CA ALA B 94 -26.59 -27.45 -41.05
C ALA B 94 -27.41 -26.18 -41.23
N ASP B 95 -26.84 -25.03 -40.86
CA ASP B 95 -27.53 -23.76 -41.08
C ASP B 95 -27.75 -23.51 -42.56
N ARG B 96 -26.73 -23.78 -43.37
CA ARG B 96 -26.83 -23.60 -44.81
C ARG B 96 -27.96 -24.43 -45.40
N ILE B 97 -28.05 -25.70 -45.00
CA ILE B 97 -29.06 -26.58 -45.54
C ILE B 97 -30.47 -26.12 -45.13
N ALA B 98 -30.61 -25.63 -43.91
CA ALA B 98 -31.91 -25.10 -43.50
C ALA B 98 -32.31 -23.90 -44.35
N ILE B 99 -31.37 -22.97 -44.56
CA ILE B 99 -31.66 -21.76 -45.32
C ILE B 99 -32.02 -22.11 -46.76
N GLU B 100 -31.35 -23.11 -47.34
CA GLU B 100 -31.66 -23.49 -48.71
C GLU B 100 -33.06 -24.09 -48.85
N ASN B 101 -33.63 -24.59 -47.76
CA ASN B 101 -34.99 -25.09 -47.76
C ASN B 101 -36.00 -24.04 -47.29
N GLY B 102 -35.57 -22.79 -47.12
CA GLY B 102 -36.46 -21.74 -46.69
C GLY B 102 -36.82 -21.77 -45.22
N ASP B 103 -36.08 -22.52 -44.41
CA ASP B 103 -36.33 -22.63 -42.98
C ASP B 103 -35.38 -21.73 -42.20
N GLN B 104 -35.74 -21.47 -40.96
CA GLN B 104 -34.84 -20.69 -40.11
C GLN B 104 -33.73 -21.60 -39.60
N PRO B 105 -32.47 -21.19 -39.70
CA PRO B 105 -31.39 -22.04 -39.17
C PRO B 105 -31.41 -22.05 -37.65
N LEU B 106 -30.91 -23.15 -37.08
CA LEU B 106 -30.78 -23.23 -35.63
C LEU B 106 -29.67 -22.33 -35.11
N SER B 107 -28.61 -22.13 -35.91
CA SER B 107 -27.47 -21.27 -35.55
C SER B 107 -26.88 -21.64 -34.18
N ALA B 108 -26.81 -22.94 -33.89
CA ALA B 108 -26.38 -23.38 -32.57
C ALA B 108 -24.96 -22.89 -32.27
N GLU B 109 -24.04 -23.03 -33.22
CA GLU B 109 -22.66 -22.66 -32.96
C GLU B 109 -22.50 -21.14 -32.84
N LEU B 110 -23.22 -20.38 -33.67
CA LEU B 110 -23.19 -18.93 -33.58
C LEU B 110 -23.72 -18.46 -32.22
N LYS B 111 -24.85 -19.01 -31.79
CA LYS B 111 -25.44 -18.60 -30.52
C LYS B 111 -24.53 -18.95 -29.34
N ARG B 112 -23.90 -20.12 -29.39
CA ARG B 112 -22.97 -20.48 -28.33
C ARG B 112 -21.77 -19.54 -28.31
N PHE B 113 -21.22 -19.23 -29.49
CA PHE B 113 -20.05 -18.37 -29.54
C PHE B 113 -20.36 -16.97 -29.01
N ARG B 114 -21.56 -16.46 -29.32
CA ARG B 114 -22.00 -15.18 -28.73
C ARG B 114 -22.09 -15.27 -27.21
N LYS B 115 -22.72 -16.33 -26.70
CA LYS B 115 -23.01 -16.44 -25.28
C LYS B 115 -21.74 -16.74 -24.47
N GLU B 116 -20.83 -17.55 -25.01
CA GLU B 116 -19.70 -18.06 -24.25
C GLU B 116 -18.36 -17.44 -24.60
N TYR B 117 -18.27 -16.72 -25.73
CA TYR B 117 -17.03 -16.02 -26.07
C TYR B 117 -17.26 -14.52 -26.19
N ILE B 118 -18.11 -14.07 -27.12
CA ILE B 118 -18.20 -12.63 -27.41
C ILE B 118 -18.69 -11.86 -26.19
N GLN B 119 -19.83 -12.27 -25.63
CA GLN B 119 -20.40 -11.48 -24.53
C GLN B 119 -19.50 -11.47 -23.30
N PRO B 120 -18.91 -12.58 -22.85
CA PRO B 120 -17.98 -12.47 -21.71
C PRO B 120 -16.75 -11.63 -22.01
N VAL B 121 -16.14 -11.79 -23.18
CA VAL B 121 -14.96 -10.97 -23.48
C VAL B 121 -15.32 -9.50 -23.55
N GLN B 122 -16.43 -9.19 -24.23
CA GLN B 122 -16.83 -7.78 -24.37
C GLN B 122 -17.16 -7.19 -23.01
N LEU B 123 -17.85 -7.95 -22.17
CA LEU B 123 -18.17 -7.45 -20.84
C LEU B 123 -16.90 -7.23 -20.03
N ARG B 124 -15.93 -8.12 -20.18
CA ARG B 124 -14.69 -7.96 -19.42
C ARG B 124 -13.84 -6.82 -19.97
N VAL B 125 -13.91 -6.54 -21.27
CA VAL B 125 -13.31 -5.32 -21.80
C VAL B 125 -13.96 -4.10 -21.15
N LEU B 126 -15.29 -4.10 -21.06
CA LEU B 126 -15.97 -2.97 -20.42
C LEU B 126 -15.60 -2.87 -18.95
N ASN B 127 -15.38 -4.00 -18.28
CA ASN B 127 -14.94 -3.94 -16.88
C ASN B 127 -13.56 -3.32 -16.76
N VAL B 128 -12.68 -3.57 -17.72
CA VAL B 128 -11.38 -2.90 -17.72
C VAL B 128 -11.58 -1.39 -17.88
N CYS B 129 -12.44 -0.98 -18.81
CA CYS B 129 -12.73 0.44 -18.99
C CYS B 129 -13.31 1.04 -17.71
N ARG B 130 -14.24 0.33 -17.08
CA ARG B 130 -14.87 0.85 -15.86
C ARG B 130 -13.85 1.02 -14.74
N HIS B 131 -12.99 0.01 -14.54
CA HIS B 131 -11.95 0.14 -13.51
C HIS B 131 -10.95 1.23 -13.85
N TRP B 132 -10.62 1.36 -15.13
CA TRP B 132 -9.67 2.37 -15.59
C TRP B 132 -10.17 3.76 -15.23
N VAL B 133 -11.44 4.04 -15.56
CA VAL B 133 -12.01 5.35 -15.30
C VAL B 133 -12.21 5.59 -13.81
N GLU B 134 -12.68 4.57 -13.08
CA GLU B 134 -13.02 4.80 -11.67
C GLU B 134 -11.79 4.90 -10.79
N HIS B 135 -10.76 4.12 -11.06
CA HIS B 135 -9.65 3.98 -10.13
C HIS B 135 -8.32 4.44 -10.69
N HIS B 136 -8.24 4.76 -11.97
CA HIS B 136 -6.97 5.20 -12.56
C HIS B 136 -7.22 6.38 -13.49
N PHE B 137 -8.10 7.29 -13.07
CA PHE B 137 -8.56 8.37 -13.92
C PHE B 137 -7.45 9.35 -14.27
N TYR B 138 -6.31 9.30 -13.57
CA TYR B 138 -5.25 10.26 -13.85
C TYR B 138 -4.74 10.14 -15.29
N ASP B 139 -4.80 8.95 -15.90
CA ASP B 139 -4.44 8.86 -17.32
C ASP B 139 -5.24 9.83 -18.16
N PHE B 140 -6.53 9.98 -17.85
CA PHE B 140 -7.43 10.83 -18.62
C PHE B 140 -7.34 12.30 -18.20
N GLU B 141 -7.03 12.58 -16.93
CA GLU B 141 -6.76 13.95 -16.51
C GLU B 141 -5.52 14.50 -17.21
N ARG B 142 -4.52 13.65 -17.45
CA ARG B 142 -3.26 14.09 -18.03
C ARG B 142 -3.26 14.04 -19.55
N ASP B 143 -4.27 13.42 -20.15
CA ASP B 143 -4.33 13.31 -21.61
C ASP B 143 -5.80 13.47 -22.02
N ALA B 144 -6.18 14.71 -22.36
CA ALA B 144 -7.58 14.98 -22.74
C ALA B 144 -7.99 14.21 -23.99
N TYR B 145 -7.06 13.99 -24.91
CA TYR B 145 -7.41 13.24 -26.12
C TYR B 145 -7.69 11.78 -25.80
N LEU B 146 -6.97 11.19 -24.84
CA LEU B 146 -7.30 9.84 -24.40
C LEU B 146 -8.71 9.77 -23.87
N LEU B 147 -9.13 10.78 -23.10
CA LEU B 147 -10.49 10.80 -22.57
C LEU B 147 -11.52 10.89 -23.70
N GLN B 148 -11.27 11.75 -24.68
CA GLN B 148 -12.17 11.84 -25.83
C GLN B 148 -12.30 10.48 -26.52
N ARG B 149 -11.20 9.77 -26.69
CA ARG B 149 -11.27 8.47 -27.36
C ARG B 149 -12.08 7.47 -26.54
N MET B 150 -11.92 7.47 -25.21
CA MET B 150 -12.68 6.57 -24.36
C MET B 150 -14.18 6.89 -24.42
N GLU B 151 -14.53 8.18 -24.34
CA GLU B 151 -15.92 8.58 -24.44
C GLU B 151 -16.53 8.14 -25.77
N GLU B 152 -15.78 8.30 -26.86
N GLU B 152 -15.79 8.33 -26.87
CA GLU B 152 -16.30 7.95 -28.18
CA GLU B 152 -16.30 7.94 -28.18
C GLU B 152 -16.44 6.44 -28.35
C GLU B 152 -16.48 6.44 -28.27
N PHE B 153 -15.51 5.67 -27.78
CA PHE B 153 -15.64 4.21 -27.85
C PHE B 153 -16.86 3.73 -27.08
N ILE B 154 -16.97 4.13 -25.81
CA ILE B 154 -18.09 3.70 -24.98
C ILE B 154 -19.41 4.18 -25.57
N GLY B 155 -19.45 5.44 -26.01
CA GLY B 155 -20.67 6.02 -26.50
C GLY B 155 -21.14 5.49 -27.84
N THR B 156 -20.32 4.68 -28.53
CA THR B 156 -20.74 4.08 -29.79
C THR B 156 -20.85 2.55 -29.75
N VAL B 157 -20.81 1.94 -28.56
CA VAL B 157 -21.07 0.50 -28.46
C VAL B 157 -22.56 0.25 -28.67
N ARG B 158 -22.88 -0.57 -29.66
CA ARG B 158 -24.27 -0.85 -30.01
C ARG B 158 -24.71 -2.19 -29.42
N GLY B 159 -26.01 -2.42 -29.45
CA GLY B 159 -26.47 -3.75 -29.09
C GLY B 159 -26.91 -3.84 -27.65
N LYS B 160 -27.98 -4.60 -27.42
CA LYS B 160 -28.69 -4.51 -26.15
C LYS B 160 -27.98 -5.25 -25.03
N ALA B 161 -27.14 -6.24 -25.33
CA ALA B 161 -26.52 -7.02 -24.25
C ALA B 161 -25.62 -6.14 -23.39
N MET B 162 -24.90 -5.19 -23.99
CA MET B 162 -23.98 -4.32 -23.25
C MET B 162 -24.63 -3.01 -22.79
N LYS B 163 -25.87 -2.74 -23.19
CA LYS B 163 -26.45 -1.40 -23.07
C LYS B 163 -26.42 -0.87 -21.64
N LYS B 164 -26.77 -1.71 -20.66
CA LYS B 164 -26.81 -1.24 -19.27
C LYS B 164 -25.45 -0.71 -18.82
N TRP B 165 -24.38 -1.39 -19.20
CA TRP B 165 -23.07 -1.01 -18.71
C TRP B 165 -22.48 0.14 -19.51
N VAL B 166 -22.78 0.21 -20.81
CA VAL B 166 -22.37 1.34 -21.63
C VAL B 166 -22.97 2.64 -21.11
N GLU B 167 -24.29 2.63 -20.87
CA GLU B 167 -24.93 3.83 -20.36
C GLU B 167 -24.41 4.20 -18.99
N SER B 168 -24.11 3.19 -18.16
CA SER B 168 -23.55 3.45 -16.84
C SER B 168 -22.15 4.04 -16.93
N ILE B 169 -21.29 3.45 -17.76
CA ILE B 169 -19.92 3.92 -17.84
C ILE B 169 -19.86 5.34 -18.42
N THR B 170 -20.75 5.64 -19.37
CA THR B 170 -20.86 7.02 -19.86
C THR B 170 -21.12 7.98 -18.70
N LYS B 171 -22.08 7.66 -17.84
CA LYS B 171 -22.39 8.53 -16.71
C LYS B 171 -21.24 8.62 -15.72
N ILE B 172 -20.57 7.50 -15.46
CA ILE B 172 -19.44 7.51 -14.53
C ILE B 172 -18.35 8.44 -15.05
N ILE B 173 -18.04 8.35 -16.35
CA ILE B 173 -17.03 9.24 -16.93
C ILE B 173 -17.43 10.70 -16.73
N GLN B 174 -18.69 11.03 -17.01
CA GLN B 174 -19.11 12.43 -16.88
C GLN B 174 -19.01 12.90 -15.43
N ARG B 175 -19.37 12.04 -14.48
N ARG B 175 -19.35 12.03 -14.47
CA ARG B 175 -19.21 12.38 -13.06
CA ARG B 175 -19.21 12.42 -13.06
C ARG B 175 -17.75 12.62 -12.71
C ARG B 175 -17.75 12.60 -12.68
N LYS B 176 -16.87 11.71 -13.16
CA LYS B 176 -15.45 11.82 -12.83
C LYS B 176 -14.83 13.11 -13.36
N LYS B 177 -15.39 13.65 -14.44
CA LYS B 177 -14.83 14.88 -15.03
C LYS B 177 -15.04 16.09 -14.12
N ILE B 178 -16.23 16.21 -13.53
CA ILE B 178 -16.55 17.38 -12.71
C ILE B 178 -16.24 17.14 -11.23
N ALA B 179 -15.64 16.01 -10.88
CA ALA B 179 -15.34 15.71 -9.49
C ALA B 179 -13.97 16.26 -9.08
N ASN B 187 -18.51 11.04 2.36
CA ASN B 187 -19.49 10.98 3.43
C ASN B 187 -19.40 9.65 4.20
N ILE B 188 -19.21 9.73 5.52
CA ILE B 188 -18.83 8.60 6.36
C ILE B 188 -19.92 8.37 7.41
N THR B 189 -20.31 7.10 7.60
CA THR B 189 -21.26 6.73 8.65
C THR B 189 -20.62 5.74 9.62
N PHE B 190 -20.75 6.01 10.90
CA PHE B 190 -20.47 5.10 12.00
C PHE B 190 -21.77 4.91 12.77
N GLN B 191 -21.92 3.79 13.47
CA GLN B 191 -23.07 3.76 14.36
C GLN B 191 -22.71 4.23 15.78
N SER B 192 -21.43 4.23 16.14
CA SER B 192 -21.01 4.80 17.43
C SER B 192 -20.57 6.25 17.26
N SER B 193 -20.81 7.06 18.30
CA SER B 193 -20.34 8.44 18.32
C SER B 193 -18.85 8.50 18.65
N PRO B 194 -18.11 9.44 18.06
CA PRO B 194 -16.74 9.65 18.47
C PRO B 194 -16.67 10.15 19.90
N PRO B 195 -15.57 9.90 20.60
CA PRO B 195 -15.46 10.37 21.99
C PRO B 195 -15.36 11.88 22.07
N THR B 196 -15.62 12.39 23.27
CA THR B 196 -15.59 13.83 23.50
C THR B 196 -14.16 14.36 23.37
N VAL B 197 -14.00 15.53 22.73
CA VAL B 197 -12.70 16.19 22.63
C VAL B 197 -12.24 16.58 24.03
N GLU B 198 -10.95 16.34 24.33
CA GLU B 198 -10.41 16.61 25.66
C GLU B 198 -9.54 17.86 25.67
N TRP B 199 -9.66 18.63 26.75
CA TRP B 199 -8.92 19.89 26.92
C TRP B 199 -8.17 19.87 28.25
N HIS B 200 -7.03 20.59 28.27
CA HIS B 200 -6.14 20.61 29.42
C HIS B 200 -5.97 22.09 29.81
N ILE B 201 -4.75 22.63 29.75
CA ILE B 201 -4.53 24.02 30.13
C ILE B 201 -5.10 24.97 29.09
N SER B 202 -4.73 24.78 27.83
CA SER B 202 -5.33 25.57 26.75
C SER B 202 -6.82 25.25 26.65
N ARG B 203 -7.63 26.29 26.57
CA ARG B 203 -9.07 26.10 26.47
C ARG B 203 -9.54 26.33 25.03
N PRO B 204 -10.74 25.87 24.68
CA PRO B 204 -11.21 25.97 23.29
C PRO B 204 -11.17 27.42 22.79
N GLY B 205 -10.67 27.59 21.56
CA GLY B 205 -10.56 28.90 20.97
C GLY B 205 -9.34 29.70 21.36
N HIS B 206 -8.50 29.20 22.26
CA HIS B 206 -7.34 29.97 22.70
C HIS B 206 -6.07 29.43 22.06
N ILE B 207 -6.02 29.56 20.74
CA ILE B 207 -4.97 28.93 19.94
C ILE B 207 -3.60 29.50 20.26
N GLU B 208 -3.55 30.74 20.78
CA GLU B 208 -2.25 31.37 21.07
C GLU B 208 -1.52 30.69 22.22
N THR B 209 -2.20 29.91 23.06
CA THR B 209 -1.57 29.19 24.15
C THR B 209 -1.26 27.74 23.80
N PHE B 210 -1.70 27.25 22.65
CA PHE B 210 -1.48 25.86 22.28
C PHE B 210 0.01 25.54 22.25
N ASP B 211 0.37 24.39 22.82
CA ASP B 211 1.77 23.95 22.86
C ASP B 211 1.76 22.50 23.34
N LEU B 212 2.95 21.90 23.33
CA LEU B 212 3.09 20.48 23.67
C LEU B 212 2.49 20.17 25.04
N LEU B 213 2.73 21.03 26.04
CA LEU B 213 2.33 20.70 27.40
C LEU B 213 0.97 21.29 27.79
N THR B 214 0.42 22.20 26.98
CA THR B 214 -0.83 22.87 27.31
C THR B 214 -2.05 22.25 26.63
N LEU B 215 -1.87 21.68 25.44
CA LEU B 215 -2.92 20.83 24.89
C LEU B 215 -2.97 19.52 25.68
N HIS B 216 -4.12 18.86 25.64
CA HIS B 216 -4.26 17.57 26.32
C HIS B 216 -3.50 16.52 25.53
N PRO B 217 -2.65 15.71 26.17
CA PRO B 217 -1.89 14.72 25.39
C PRO B 217 -2.78 13.71 24.66
N ILE B 218 -3.95 13.37 25.19
CA ILE B 218 -4.86 12.50 24.45
C ILE B 218 -5.29 13.18 23.16
N GLU B 219 -5.61 14.47 23.24
CA GLU B 219 -6.14 15.15 22.07
C GLU B 219 -5.04 15.48 21.07
N ILE B 220 -3.81 15.74 21.54
CA ILE B 220 -2.68 15.84 20.62
C ILE B 220 -2.59 14.58 19.77
N ALA B 221 -2.61 13.41 20.42
CA ALA B 221 -2.47 12.17 19.68
C ALA B 221 -3.66 11.94 18.75
N ARG B 222 -4.87 12.29 19.19
CA ARG B 222 -6.04 12.08 18.32
C ARG B 222 -5.98 12.97 17.08
N GLN B 223 -5.64 14.25 17.26
CA GLN B 223 -5.66 15.16 16.12
C GLN B 223 -4.49 14.90 15.18
N LEU B 224 -3.32 14.50 15.70
CA LEU B 224 -2.24 14.08 14.82
C LEU B 224 -2.58 12.79 14.08
N THR B 225 -3.32 11.88 14.73
CA THR B 225 -3.73 10.65 14.05
C THR B 225 -4.73 10.94 12.92
N LEU B 226 -5.70 11.83 13.15
CA LEU B 226 -6.58 12.24 12.05
C LEU B 226 -5.79 12.88 10.91
N LEU B 227 -4.83 13.75 11.25
CA LEU B 227 -4.02 14.40 10.22
CA LEU B 227 -4.03 14.40 10.21
C LEU B 227 -3.20 13.38 9.44
N GLU B 228 -2.52 12.50 10.16
CA GLU B 228 -1.64 11.50 9.54
C GLU B 228 -2.42 10.44 8.79
N SER B 229 -3.62 10.09 9.28
CA SER B 229 -4.50 9.19 8.53
C SER B 229 -4.93 9.81 7.21
N ASP B 230 -5.39 11.06 7.24
CA ASP B 230 -5.75 11.74 5.99
C ASP B 230 -4.57 11.79 5.02
N LEU B 231 -3.37 12.09 5.51
CA LEU B 231 -2.20 12.14 4.64
C LEU B 231 -1.88 10.77 4.07
N TYR B 232 -1.98 9.72 4.90
CA TYR B 232 -1.75 8.36 4.43
C TYR B 232 -2.77 7.97 3.36
N ARG B 233 -4.05 8.29 3.61
CA ARG B 233 -5.12 7.88 2.69
C ARG B 233 -5.07 8.62 1.36
N ALA B 234 -4.37 9.74 1.29
CA ALA B 234 -4.35 10.53 0.06
C ALA B 234 -3.36 10.03 -0.99
N VAL B 235 -2.46 9.12 -0.64
CA VAL B 235 -1.40 8.71 -1.56
C VAL B 235 -1.97 7.70 -2.56
N GLN B 236 -1.86 8.02 -3.84
CA GLN B 236 -2.34 7.14 -4.92
C GLN B 236 -1.21 6.31 -5.49
N PRO B 237 -1.53 5.17 -6.12
CA PRO B 237 -0.46 4.34 -6.71
C PRO B 237 0.33 5.04 -7.79
N SER B 238 -0.27 6.00 -8.49
CA SER B 238 0.44 6.77 -9.50
C SER B 238 1.66 7.48 -8.92
N GLU B 239 1.66 7.75 -7.62
N GLU B 239 1.68 7.75 -7.63
CA GLU B 239 2.79 8.37 -6.95
CA GLU B 239 2.85 8.37 -6.99
C GLU B 239 3.90 7.38 -6.61
C GLU B 239 3.94 7.38 -6.67
N LEU B 240 3.67 6.08 -6.82
CA LEU B 240 4.58 5.02 -6.38
C LEU B 240 5.15 4.21 -7.53
N VAL B 241 4.34 3.80 -8.49
CA VAL B 241 4.84 2.92 -9.56
C VAL B 241 5.92 3.64 -10.35
N GLY B 242 6.92 2.89 -10.79
CA GLY B 242 8.03 3.49 -11.49
C GLY B 242 9.02 4.21 -10.59
N SER B 243 8.86 4.08 -9.27
CA SER B 243 9.75 4.70 -8.28
C SER B 243 9.81 6.21 -8.43
N VAL B 244 8.71 6.83 -8.87
CA VAL B 244 8.79 8.21 -9.30
C VAL B 244 9.03 9.18 -8.14
N TRP B 245 8.76 8.80 -6.89
CA TRP B 245 9.04 9.69 -5.77
C TRP B 245 10.54 9.85 -5.49
N THR B 246 11.40 9.09 -6.17
CA THR B 246 12.84 9.20 -6.03
C THR B 246 13.51 9.94 -7.19
N LYS B 247 12.76 10.23 -8.25
CA LYS B 247 13.33 10.77 -9.48
C LYS B 247 13.22 12.30 -9.51
N GLU B 248 13.77 12.90 -10.57
CA GLU B 248 13.92 14.36 -10.61
C GLU B 248 12.56 15.07 -10.58
N ASP B 249 11.51 14.45 -11.12
CA ASP B 249 10.19 15.06 -11.15
C ASP B 249 9.32 14.65 -9.95
N LYS B 250 9.95 14.25 -8.84
CA LYS B 250 9.19 13.73 -7.70
C LYS B 250 8.16 14.73 -7.17
N GLU B 251 8.46 16.03 -7.22
CA GLU B 251 7.49 17.00 -6.70
C GLU B 251 6.24 17.05 -7.56
N ILE B 252 6.39 16.77 -8.86
CA ILE B 252 5.26 16.73 -9.78
C ILE B 252 4.49 15.44 -9.63
N ASN B 253 5.20 14.31 -9.53
CA ASN B 253 4.55 13.01 -9.61
C ASN B 253 4.14 12.43 -8.28
N SER B 254 4.74 12.88 -7.16
CA SER B 254 4.42 12.28 -5.86
C SER B 254 4.10 13.32 -4.79
N PRO B 255 3.26 14.32 -5.10
CA PRO B 255 3.07 15.41 -4.12
C PRO B 255 2.39 14.97 -2.83
N ASN B 256 1.42 14.04 -2.88
CA ASN B 256 0.77 13.64 -1.64
C ASN B 256 1.69 12.80 -0.76
N LEU B 257 2.47 11.91 -1.38
CA LEU B 257 3.46 11.16 -0.61
C LEU B 257 4.46 12.10 0.05
N LEU B 258 5.00 13.05 -0.70
CA LEU B 258 6.00 13.94 -0.11
C LEU B 258 5.41 14.82 1.00
N LYS B 259 4.16 15.27 0.85
N LYS B 259 4.16 15.27 0.85
CA LYS B 259 3.51 16.02 1.92
CA LYS B 259 3.52 16.01 1.92
C LYS B 259 3.40 15.16 3.18
C LYS B 259 3.40 15.16 3.18
N MET B 260 3.07 13.88 3.01
CA MET B 260 2.94 12.98 4.14
C MET B 260 4.28 12.78 4.84
N ILE B 261 5.35 12.54 4.07
CA ILE B 261 6.69 12.36 4.66
C ILE B 261 7.15 13.63 5.35
N ARG B 262 6.94 14.79 4.70
CA ARG B 262 7.40 16.04 5.29
C ARG B 262 6.65 16.36 6.59
N HIS B 263 5.38 15.97 6.71
CA HIS B 263 4.70 16.09 8.00
C HIS B 263 5.41 15.26 9.06
N THR B 264 5.70 14.00 8.74
CA THR B 264 6.35 13.11 9.70
C THR B 264 7.71 13.67 10.14
N THR B 265 8.49 14.15 9.17
CA THR B 265 9.78 14.74 9.49
C THR B 265 9.63 15.95 10.40
N ASN B 266 8.67 16.83 10.08
CA ASN B 266 8.49 18.04 10.86
C ASN B 266 8.07 17.73 12.29
N LEU B 267 7.21 16.72 12.48
CA LEU B 267 6.79 16.39 13.83
C LEU B 267 7.94 15.82 14.63
N THR B 268 8.73 14.94 14.03
CA THR B 268 9.92 14.41 14.71
C THR B 268 10.83 15.55 15.13
N LEU B 269 11.12 16.48 14.22
CA LEU B 269 11.99 17.61 14.56
C LEU B 269 11.35 18.49 15.63
N TRP B 270 10.02 18.64 15.63
CA TRP B 270 9.38 19.43 16.67
C TRP B 270 9.56 18.78 18.04
N PHE B 271 9.37 17.45 18.11
CA PHE B 271 9.62 16.75 19.38
C PHE B 271 11.05 16.99 19.86
N GLU B 272 12.03 16.83 18.96
CA GLU B 272 13.42 17.07 19.36
C GLU B 272 13.61 18.49 19.84
N LYS B 273 13.02 19.47 19.13
CA LYS B 273 13.17 20.87 19.50
C LYS B 273 12.54 21.17 20.86
N CYS B 274 11.33 20.64 21.10
CA CYS B 274 10.71 20.81 22.41
C CYS B 274 11.61 20.31 23.52
N ILE B 275 12.29 19.19 23.28
CA ILE B 275 13.12 18.57 24.30
C ILE B 275 14.38 19.42 24.57
N VAL B 276 15.18 19.66 23.53
CA VAL B 276 16.48 20.29 23.78
C VAL B 276 16.39 21.79 24.06
N GLU B 277 15.27 22.45 23.71
CA GLU B 277 15.11 23.85 24.11
C GLU B 277 14.54 24.00 25.51
N THR B 278 14.23 22.90 26.18
CA THR B 278 13.85 22.93 27.59
C THR B 278 15.13 22.66 28.38
N GLU B 279 15.78 23.73 28.82
N GLU B 279 15.80 23.73 28.79
CA GLU B 279 17.11 23.61 29.40
CA GLU B 279 17.11 23.59 29.41
C GLU B 279 17.09 23.15 30.85
C GLU B 279 17.06 23.09 30.85
N ASN B 280 16.04 23.47 31.60
CA ASN B 280 15.90 22.99 32.98
C ASN B 280 15.64 21.48 32.97
N LEU B 281 16.42 20.73 33.75
CA LEU B 281 16.36 19.26 33.70
C LEU B 281 14.97 18.75 34.08
N GLU B 282 14.44 19.24 35.21
CA GLU B 282 13.12 18.78 35.67
C GLU B 282 12.03 19.08 34.63
N GLU B 283 12.05 20.28 34.04
CA GLU B 283 11.09 20.58 33.00
C GLU B 283 11.27 19.69 31.78
N ARG B 284 12.53 19.39 31.43
CA ARG B 284 12.78 18.56 30.25
C ARG B 284 12.29 17.13 30.48
N VAL B 285 12.40 16.64 31.71
CA VAL B 285 11.83 15.33 32.03
C VAL B 285 10.34 15.33 31.81
N ALA B 286 9.66 16.41 32.20
CA ALA B 286 8.21 16.49 31.98
C ALA B 286 7.88 16.52 30.49
N VAL B 287 8.71 17.21 29.69
CA VAL B 287 8.49 17.24 28.24
C VAL B 287 8.63 15.85 27.64
N VAL B 288 9.70 15.13 28.00
CA VAL B 288 9.93 13.80 27.45
C VAL B 288 8.83 12.85 27.90
N SER B 289 8.45 12.93 29.18
N SER B 289 8.44 12.92 29.18
CA SER B 289 7.36 12.10 29.70
CA SER B 289 7.36 12.07 29.68
C SER B 289 6.05 12.36 28.96
C SER B 289 6.06 12.35 28.94
N ARG B 290 5.78 13.62 28.63
CA ARG B 290 4.56 13.93 27.89
C ARG B 290 4.61 13.35 26.49
N ILE B 291 5.77 13.39 25.84
CA ILE B 291 5.88 12.83 24.50
C ILE B 291 5.68 11.32 24.54
N ILE B 292 6.17 10.66 25.58
CA ILE B 292 5.96 9.21 25.68
C ILE B 292 4.48 8.89 25.95
N GLU B 293 3.78 9.76 26.67
CA GLU B 293 2.34 9.57 26.82
C GLU B 293 1.62 9.71 25.48
N ILE B 294 2.03 10.68 24.66
CA ILE B 294 1.45 10.80 23.32
C ILE B 294 1.73 9.52 22.53
N LEU B 295 2.94 8.98 22.67
N LEU B 295 2.96 8.99 22.65
CA LEU B 295 3.27 7.72 21.99
CA LEU B 295 3.30 7.72 22.02
C LEU B 295 2.37 6.58 22.45
C LEU B 295 2.32 6.63 22.44
N GLN B 296 2.03 6.55 23.74
CA GLN B 296 1.13 5.52 24.24
C GLN B 296 -0.25 5.62 23.58
N VAL B 297 -0.75 6.82 23.38
CA VAL B 297 -2.05 6.96 22.73
C VAL B 297 -1.95 6.62 21.24
N PHE B 298 -0.85 7.01 20.58
CA PHE B 298 -0.62 6.56 19.21
C PHE B 298 -0.71 5.03 19.12
N GLN B 299 -0.06 4.33 20.05
CA GLN B 299 -0.12 2.87 20.07
C GLN B 299 -1.56 2.40 20.21
N GLU B 300 -2.33 3.02 21.11
CA GLU B 300 -3.70 2.57 21.32
C GLU B 300 -4.54 2.80 20.07
N LEU B 301 -4.23 3.83 19.29
CA LEU B 301 -4.94 4.15 18.05
C LEU B 301 -4.41 3.42 16.82
N ASN B 302 -3.41 2.55 16.97
CA ASN B 302 -2.74 1.90 15.83
C ASN B 302 -2.17 2.93 14.85
N ASN B 303 -1.72 4.09 15.36
CA ASN B 303 -1.05 5.05 14.47
C ASN B 303 0.44 4.74 14.52
N PHE B 304 0.87 3.85 13.63
CA PHE B 304 2.26 3.42 13.65
C PHE B 304 3.19 4.49 13.11
N ASN B 305 2.71 5.31 12.18
CA ASN B 305 3.49 6.46 11.75
C ASN B 305 3.82 7.35 12.96
N GLY B 306 2.81 7.62 13.78
CA GLY B 306 3.03 8.45 14.96
C GLY B 306 3.98 7.81 15.95
N VAL B 307 3.80 6.51 16.20
CA VAL B 307 4.73 5.78 17.07
C VAL B 307 6.17 6.00 16.60
N LEU B 308 6.41 5.85 15.30
CA LEU B 308 7.79 5.95 14.82
C LEU B 308 8.28 7.39 14.76
N GLU B 309 7.38 8.37 14.56
CA GLU B 309 7.77 9.77 14.70
C GLU B 309 8.39 10.02 16.06
N VAL B 310 7.79 9.45 17.11
CA VAL B 310 8.30 9.64 18.46
C VAL B 310 9.61 8.89 18.65
N VAL B 311 9.63 7.62 18.24
CA VAL B 311 10.83 6.80 18.40
C VAL B 311 12.01 7.40 17.65
N SER B 312 11.78 7.88 16.42
CA SER B 312 12.86 8.55 15.67
C SER B 312 13.40 9.76 16.43
N ALA B 313 12.52 10.52 17.08
CA ALA B 313 13.00 11.67 17.85
C ALA B 313 13.85 11.23 19.03
N MET B 314 13.43 10.17 19.73
CA MET B 314 14.17 9.74 20.91
C MET B 314 15.51 9.12 20.53
N ASN B 315 15.62 8.58 19.31
CA ASN B 315 16.87 8.00 18.83
C ASN B 315 17.75 8.99 18.07
N SER B 316 17.29 10.22 17.90
CA SER B 316 18.11 11.22 17.19
C SER B 316 19.36 11.54 18.01
N SER B 317 20.41 12.00 17.33
CA SER B 317 21.65 12.33 18.04
CA SER B 317 21.64 12.32 18.05
C SER B 317 21.45 13.36 19.16
N PRO B 318 20.64 14.42 19.01
CA PRO B 318 20.54 15.38 20.13
C PRO B 318 19.86 14.80 21.35
N VAL B 319 18.88 13.92 21.17
CA VAL B 319 18.11 13.44 22.32
C VAL B 319 18.73 12.20 22.92
N TYR B 320 19.20 11.30 22.06
CA TYR B 320 19.73 10.00 22.52
C TYR B 320 20.80 10.15 23.60
N ARG B 321 21.60 11.21 23.53
CA ARG B 321 22.71 11.35 24.46
C ARG B 321 22.34 11.96 25.81
N LEU B 322 21.05 12.28 26.05
CA LEU B 322 20.63 12.98 27.26
C LEU B 322 20.41 12.00 28.42
N ASP B 323 21.53 11.44 28.89
CA ASP B 323 21.49 10.40 29.92
C ASP B 323 20.86 10.89 31.23
N HIS B 324 21.11 12.15 31.60
CA HIS B 324 20.52 12.68 32.83
C HIS B 324 19.00 12.75 32.73
N THR B 325 18.49 13.06 31.54
CA THR B 325 17.04 13.10 31.34
C THR B 325 16.46 11.70 31.36
N PHE B 326 17.09 10.78 30.63
CA PHE B 326 16.58 9.40 30.57
C PHE B 326 16.54 8.76 31.94
N GLU B 327 17.54 9.04 32.78
CA GLU B 327 17.59 8.44 34.11
C GLU B 327 16.33 8.75 34.92
N GLN B 328 15.73 9.91 34.72
CA GLN B 328 14.59 10.32 35.54
C GLN B 328 13.23 9.95 34.93
N ILE B 329 13.20 9.40 33.72
CA ILE B 329 11.93 8.95 33.14
C ILE B 329 11.38 7.81 33.99
N PRO B 330 10.09 7.84 34.37
CA PRO B 330 9.54 6.74 35.18
C PRO B 330 9.69 5.39 34.49
N SER B 331 9.88 4.35 35.30
CA SER B 331 10.16 3.03 34.75
CA SER B 331 10.16 3.03 34.75
C SER B 331 9.08 2.58 33.78
N ARG B 332 7.81 2.86 34.08
CA ARG B 332 6.76 2.39 33.19
C ARG B 332 6.82 3.06 31.83
N GLN B 333 7.33 4.29 31.77
CA GLN B 333 7.47 4.97 30.50
C GLN B 333 8.72 4.55 29.74
N LYS B 334 9.79 4.23 30.47
CA LYS B 334 10.93 3.60 29.83
C LYS B 334 10.50 2.32 29.11
N LYS B 335 9.62 1.54 29.75
CA LYS B 335 9.19 0.29 29.13
C LYS B 335 8.30 0.55 27.91
N ILE B 336 7.47 1.58 27.96
CA ILE B 336 6.66 1.92 26.78
C ILE B 336 7.56 2.31 25.61
N LEU B 337 8.57 3.12 25.88
CA LEU B 337 9.46 3.58 24.81
C LEU B 337 10.26 2.41 24.25
N GLU B 338 10.75 1.54 25.14
CA GLU B 338 11.55 0.40 24.70
C GLU B 338 10.72 -0.56 23.84
N GLU B 339 9.48 -0.81 24.25
CA GLU B 339 8.61 -1.67 23.45
C GLU B 339 8.38 -1.09 22.06
N ALA B 340 8.15 0.22 21.98
CA ALA B 340 7.95 0.87 20.69
C ALA B 340 9.21 0.78 19.84
N HIS B 341 10.37 0.99 20.46
CA HIS B 341 11.64 0.88 19.73
C HIS B 341 11.84 -0.54 19.16
N GLU B 342 11.45 -1.56 19.91
CA GLU B 342 11.65 -2.93 19.46
C GLU B 342 10.81 -3.26 18.24
N LEU B 343 9.76 -2.48 17.95
CA LEU B 343 9.02 -2.68 16.70
C LEU B 343 9.91 -2.56 15.48
N SER B 344 10.93 -1.69 15.54
CA SER B 344 11.78 -1.43 14.38
CA SER B 344 11.79 -1.40 14.40
C SER B 344 12.96 -2.36 14.28
N GLU B 345 13.29 -3.08 15.35
CA GLU B 345 14.48 -3.92 15.34
C GLU B 345 14.32 -5.08 14.36
N ASP B 346 15.47 -5.63 13.94
CA ASP B 346 15.51 -6.76 13.02
C ASP B 346 14.71 -6.48 11.76
N HIS B 347 14.94 -5.31 11.18
CA HIS B 347 14.29 -4.91 9.93
C HIS B 347 12.77 -4.90 10.09
N TYR B 348 12.31 -4.31 11.19
CA TYR B 348 10.88 -4.08 11.46
C TYR B 348 10.09 -5.38 11.64
N LYS B 349 10.77 -6.45 12.09
CA LYS B 349 10.09 -7.73 12.26
C LYS B 349 8.83 -7.61 13.11
N LYS B 350 8.93 -7.00 14.30
CA LYS B 350 7.77 -6.95 15.19
C LYS B 350 6.72 -5.96 14.69
N TYR B 351 7.14 -4.86 14.05
CA TYR B 351 6.18 -3.96 13.45
C TYR B 351 5.34 -4.67 12.39
N LEU B 352 5.99 -5.42 11.50
CA LEU B 352 5.25 -6.06 10.40
C LEU B 352 4.23 -7.06 10.94
N ALA B 353 4.63 -7.82 11.97
CA ALA B 353 3.71 -8.75 12.61
C ALA B 353 2.58 -8.00 13.31
N LYS B 354 2.88 -6.88 13.97
CA LYS B 354 1.82 -6.17 14.68
C LYS B 354 0.83 -5.54 13.69
N LEU B 355 1.32 -4.92 12.62
CA LEU B 355 0.43 -4.35 11.60
C LEU B 355 -0.55 -5.40 11.09
N ARG B 356 -0.08 -6.62 10.86
CA ARG B 356 -0.91 -7.68 10.30
C ARG B 356 -1.83 -8.32 11.33
N SER B 357 -1.69 -7.96 12.61
CA SER B 357 -2.58 -8.52 13.62
C SER B 357 -3.63 -7.56 14.15
N ILE B 358 -3.46 -6.24 13.98
CA ILE B 358 -4.36 -5.30 14.67
C ILE B 358 -5.70 -5.22 13.93
N ASN B 359 -6.69 -4.58 14.58
CA ASN B 359 -7.98 -4.33 13.98
C ASN B 359 -7.97 -2.89 13.48
N PRO B 360 -8.06 -2.64 12.17
CA PRO B 360 -8.03 -1.27 11.68
C PRO B 360 -9.25 -0.50 12.18
N PRO B 361 -9.25 0.85 12.09
CA PRO B 361 -8.28 1.70 11.39
C PRO B 361 -6.87 1.75 11.99
N CYS B 362 -5.88 1.96 11.12
CA CYS B 362 -4.50 2.17 11.53
C CYS B 362 -3.86 3.19 10.57
N VAL B 363 -2.67 3.67 10.94
CA VAL B 363 -1.84 4.46 10.04
C VAL B 363 -0.50 3.75 9.91
N PRO B 364 -0.28 3.02 8.82
CA PRO B 364 1.00 2.35 8.63
C PRO B 364 2.14 3.34 8.51
N PHE B 365 3.34 2.84 8.77
CA PHE B 365 4.57 3.53 8.39
C PHE B 365 4.84 3.29 6.90
N PHE B 366 4.91 4.37 6.11
CA PHE B 366 5.00 4.21 4.65
C PHE B 366 6.39 3.79 4.19
N GLY B 367 7.44 4.06 4.97
CA GLY B 367 8.80 3.94 4.44
C GLY B 367 9.15 2.53 4.00
N ILE B 368 8.65 1.52 4.71
CA ILE B 368 8.94 0.12 4.33
C ILE B 368 8.35 -0.18 2.96
N TYR B 369 7.14 0.30 2.70
CA TYR B 369 6.52 0.11 1.40
C TYR B 369 7.36 0.72 0.29
N LEU B 370 7.90 1.91 0.54
CA LEU B 370 8.70 2.60 -0.47
C LEU B 370 9.96 1.82 -0.79
N THR B 371 10.67 1.36 0.24
CA THR B 371 11.87 0.57 0.01
C THR B 371 11.54 -0.71 -0.76
N ASN B 372 10.45 -1.38 -0.40
CA ASN B 372 10.13 -2.64 -1.09
C ASN B 372 9.69 -2.42 -2.52
N ILE B 373 8.94 -1.34 -2.80
CA ILE B 373 8.59 -1.05 -4.19
C ILE B 373 9.84 -0.74 -5.00
N LEU B 374 10.71 0.11 -4.45
N LEU B 374 10.71 0.11 -4.45
CA LEU B 374 11.92 0.51 -5.17
CA LEU B 374 11.93 0.49 -5.18
C LEU B 374 12.82 -0.71 -5.46
C LEU B 374 12.80 -0.72 -5.47
N LYS B 375 13.01 -1.57 -4.46
CA LYS B 375 13.90 -2.71 -4.65
C LYS B 375 13.29 -3.75 -5.58
N THR B 376 11.98 -3.93 -5.53
CA THR B 376 11.33 -4.82 -6.50
C THR B 376 11.54 -4.30 -7.92
N GLU B 377 11.42 -2.99 -8.13
CA GLU B 377 11.57 -2.47 -9.47
CA GLU B 377 11.57 -2.41 -9.46
C GLU B 377 13.02 -2.51 -9.93
N GLU B 378 13.96 -2.21 -9.04
CA GLU B 378 15.37 -2.20 -9.40
C GLU B 378 15.94 -3.61 -9.52
N GLY B 379 15.40 -4.57 -8.79
CA GLY B 379 16.01 -5.89 -8.73
C GLY B 379 15.45 -6.94 -9.66
N ASN B 380 14.53 -6.57 -10.56
CA ASN B 380 13.92 -7.52 -11.48
C ASN B 380 13.92 -6.91 -12.88
N PRO B 381 14.16 -7.72 -13.91
CA PRO B 381 14.21 -7.18 -15.27
C PRO B 381 12.83 -6.88 -15.82
N GLU B 382 12.79 -5.91 -16.73
CA GLU B 382 11.54 -5.53 -17.39
C GLU B 382 11.04 -6.64 -18.31
N VAL B 383 11.95 -7.35 -18.97
CA VAL B 383 11.54 -8.39 -19.91
C VAL B 383 12.29 -9.67 -19.59
N LEU B 384 11.69 -10.78 -20.02
CA LEU B 384 12.37 -12.08 -20.05
C LEU B 384 12.56 -12.48 -21.49
N LYS B 385 13.76 -12.98 -21.82
CA LYS B 385 14.06 -13.40 -23.17
C LYS B 385 13.89 -14.91 -23.28
N ARG B 386 13.04 -15.35 -24.20
CA ARG B 386 12.70 -16.75 -24.37
C ARG B 386 12.51 -17.04 -25.84
N HIS B 387 13.27 -17.99 -26.38
CA HIS B 387 13.12 -18.45 -27.77
C HIS B 387 13.25 -17.29 -28.77
N GLY B 388 14.21 -16.40 -28.53
CA GLY B 388 14.38 -15.22 -29.38
C GLY B 388 13.40 -14.09 -29.15
N LYS B 389 12.39 -14.28 -28.32
CA LYS B 389 11.36 -13.26 -28.09
C LYS B 389 11.58 -12.57 -26.74
N GLU B 390 11.17 -11.30 -26.67
CA GLU B 390 11.18 -10.58 -25.42
C GLU B 390 9.76 -10.56 -24.88
N LEU B 391 9.57 -11.14 -23.70
CA LEU B 391 8.27 -11.19 -23.05
C LEU B 391 8.26 -10.22 -21.88
N ILE B 392 7.12 -9.54 -21.69
CA ILE B 392 6.99 -8.66 -20.54
C ILE B 392 7.05 -9.49 -19.27
N ASN B 393 7.93 -9.10 -18.35
CA ASN B 393 8.06 -9.79 -17.07
C ASN B 393 6.91 -9.33 -16.18
N PHE B 394 5.80 -10.05 -16.23
CA PHE B 394 4.63 -9.60 -15.47
C PHE B 394 4.74 -9.94 -13.98
N SER B 395 5.50 -10.99 -13.63
N SER B 395 5.50 -10.99 -13.63
CA SER B 395 5.66 -11.31 -12.21
CA SER B 395 5.68 -11.32 -12.22
C SER B 395 6.22 -10.12 -11.43
C SER B 395 6.23 -10.13 -11.44
N LYS B 396 7.10 -9.34 -12.06
CA LYS B 396 7.65 -8.17 -11.38
C LYS B 396 6.55 -7.15 -11.09
N ARG B 397 5.64 -6.95 -12.04
CA ARG B 397 4.55 -6.01 -11.85
C ARG B 397 3.54 -6.52 -10.81
N ARG B 398 3.29 -7.83 -10.80
CA ARG B 398 2.43 -8.38 -9.76
C ARG B 398 2.99 -8.12 -8.37
N LYS B 399 4.31 -8.27 -8.18
CA LYS B 399 4.92 -7.98 -6.89
C LYS B 399 4.73 -6.52 -6.49
N VAL B 400 4.91 -5.59 -7.42
CA VAL B 400 4.68 -4.19 -7.11
C VAL B 400 3.23 -3.96 -6.71
N ALA B 401 2.29 -4.52 -7.47
CA ALA B 401 0.87 -4.33 -7.19
C ALA B 401 0.42 -5.04 -5.91
N GLU B 402 1.13 -6.07 -5.46
CA GLU B 402 0.82 -6.63 -4.15
CA GLU B 402 0.83 -6.63 -4.15
C GLU B 402 1.09 -5.60 -3.07
N ILE B 403 2.16 -4.82 -3.23
CA ILE B 403 2.48 -3.79 -2.24
C ILE B 403 1.47 -2.63 -2.34
N THR B 404 1.18 -2.14 -3.54
CA THR B 404 0.19 -1.06 -3.62
C THR B 404 -1.18 -1.52 -3.15
N GLY B 405 -1.50 -2.80 -3.33
CA GLY B 405 -2.77 -3.32 -2.84
C GLY B 405 -2.83 -3.34 -1.31
N GLU B 406 -1.71 -3.72 -0.66
CA GLU B 406 -1.66 -3.67 0.79
CA GLU B 406 -1.66 -3.68 0.80
C GLU B 406 -1.82 -2.26 1.31
N ILE B 407 -1.13 -1.31 0.67
CA ILE B 407 -1.31 0.10 1.00
C ILE B 407 -2.78 0.49 0.92
N GLN B 408 -3.42 0.15 -0.21
CA GLN B 408 -4.81 0.57 -0.40
C GLN B 408 -5.74 -0.08 0.61
N GLN B 409 -5.46 -1.32 1.02
CA GLN B 409 -6.35 -1.99 1.97
C GLN B 409 -6.42 -1.22 3.29
N TYR B 410 -5.30 -0.65 3.75
CA TYR B 410 -5.30 0.13 4.99
C TYR B 410 -5.79 1.56 4.78
N GLN B 411 -6.03 1.99 3.54
CA GLN B 411 -6.59 3.31 3.28
C GLN B 411 -8.11 3.36 3.38
N ASN B 412 -8.77 2.21 3.58
CA ASN B 412 -10.22 2.22 3.47
C ASN B 412 -10.90 2.67 4.76
N GLN B 413 -10.36 2.28 5.91
CA GLN B 413 -11.09 2.39 7.17
C GLN B 413 -10.89 3.77 7.80
N PRO B 414 -11.94 4.52 8.06
CA PRO B 414 -11.79 5.85 8.68
C PRO B 414 -11.78 5.79 10.20
N TYR B 415 -11.13 6.78 10.81
CA TYR B 415 -11.11 6.87 12.27
C TYR B 415 -12.39 7.51 12.80
N CYS B 416 -12.93 6.93 13.89
CA CYS B 416 -14.10 7.50 14.55
C CYS B 416 -13.64 8.49 15.62
N LEU B 417 -13.10 9.62 15.15
CA LEU B 417 -12.60 10.67 16.02
C LEU B 417 -13.05 12.02 15.45
N ARG B 418 -13.43 12.94 16.34
CA ARG B 418 -13.90 14.24 15.89
C ARG B 418 -12.73 15.19 15.64
N VAL B 419 -12.78 15.91 14.51
CA VAL B 419 -11.76 16.91 14.23
C VAL B 419 -11.96 18.10 15.14
N GLU B 420 -10.85 18.66 15.65
CA GLU B 420 -10.86 19.95 16.34
C GLU B 420 -10.09 20.89 15.41
N SER B 421 -10.81 21.85 14.80
N SER B 421 -10.81 21.85 14.78
CA SER B 421 -10.24 22.62 13.68
CA SER B 421 -10.21 22.58 13.67
C SER B 421 -9.04 23.44 14.11
C SER B 421 -9.04 23.46 14.10
N ASP B 422 -9.09 24.02 15.32
CA ASP B 422 -7.97 24.82 15.80
C ASP B 422 -6.74 23.97 16.11
N ILE B 423 -6.93 22.82 16.75
CA ILE B 423 -5.78 21.94 17.01
C ILE B 423 -5.24 21.39 15.71
N LYS B 424 -6.12 21.03 14.78
N LYS B 424 -6.13 21.03 14.78
CA LYS B 424 -5.68 20.59 13.46
CA LYS B 424 -5.71 20.59 13.46
C LYS B 424 -4.82 21.65 12.79
C LYS B 424 -4.83 21.65 12.78
N ARG B 425 -5.26 22.91 12.83
CA ARG B 425 -4.51 23.98 12.17
C ARG B 425 -3.16 24.20 12.84
N PHE B 426 -3.12 24.13 14.18
CA PHE B 426 -1.86 24.24 14.90
C PHE B 426 -0.84 23.22 14.41
N PHE B 427 -1.25 21.96 14.23
CA PHE B 427 -0.28 20.97 13.78
C PHE B 427 -0.02 21.04 12.28
N GLU B 428 -0.98 21.53 11.49
CA GLU B 428 -0.71 21.74 10.07
C GLU B 428 0.32 22.83 9.84
N ASN B 429 0.34 23.85 10.70
CA ASN B 429 1.22 25.00 10.55
C ASN B 429 2.52 24.84 11.32
N LEU B 430 2.73 23.72 12.01
CA LEU B 430 3.98 23.51 12.75
C LEU B 430 5.17 23.63 11.81
N ASN B 431 6.17 24.41 12.22
CA ASN B 431 7.34 24.67 11.36
C ASN B 431 8.58 24.83 12.24
N PRO B 432 9.05 23.73 12.86
CA PRO B 432 10.17 23.87 13.82
C PRO B 432 11.44 24.46 13.21
N MET B 433 11.70 24.21 11.93
CA MET B 433 12.91 24.72 11.31
CA MET B 433 12.93 24.73 11.33
C MET B 433 12.85 26.21 10.99
N GLY B 434 11.65 26.80 10.97
CA GLY B 434 11.60 28.22 10.61
C GLY B 434 12.15 28.44 9.21
N ASN B 435 12.97 29.48 9.04
CA ASN B 435 13.61 29.76 7.76
C ASN B 435 14.97 29.10 7.61
N SER B 436 15.39 28.27 8.56
CA SER B 436 16.72 27.69 8.54
C SER B 436 16.78 26.50 7.60
N MET B 437 17.95 26.31 7.00
CA MET B 437 18.20 25.10 6.24
C MET B 437 18.41 23.91 7.19
N GLU B 438 18.33 22.70 6.62
CA GLU B 438 18.32 21.48 7.43
C GLU B 438 19.60 21.34 8.25
N LYS B 439 20.77 21.52 7.62
CA LYS B 439 22.01 21.29 8.35
C LYS B 439 22.18 22.30 9.48
N GLU B 440 21.91 23.58 9.19
CA GLU B 440 21.97 24.63 10.19
C GLU B 440 21.06 24.31 11.38
N PHE B 441 19.86 23.82 11.09
CA PHE B 441 18.90 23.53 12.16
C PHE B 441 19.30 22.30 12.97
N THR B 442 19.70 21.21 12.31
CA THR B 442 20.04 20.03 13.11
C THR B 442 21.36 20.23 13.87
N ASP B 443 22.28 21.05 13.34
CA ASP B 443 23.46 21.44 14.12
C ASP B 443 23.07 22.27 15.33
N TYR B 444 22.09 23.16 15.17
CA TYR B 444 21.57 23.93 16.30
C TYR B 444 21.04 23.00 17.39
N LEU B 445 20.23 22.00 17.00
CA LEU B 445 19.68 21.06 17.98
C LEU B 445 20.78 20.31 18.71
N PHE B 446 21.82 19.91 17.99
CA PHE B 446 22.89 19.16 18.64
C PHE B 446 23.69 20.05 19.58
N ASN B 447 23.91 21.31 19.17
CA ASN B 447 24.61 22.23 20.06
C ASN B 447 23.80 22.55 21.31
N LYS B 448 22.46 22.63 21.19
CA LYS B 448 21.64 22.77 22.39
C LYS B 448 21.79 21.56 23.30
N SER B 449 21.79 20.36 22.72
CA SER B 449 22.00 19.15 23.51
C SER B 449 23.32 19.23 24.28
N LEU B 450 24.40 19.65 23.61
CA LEU B 450 25.68 19.79 24.29
C LEU B 450 25.63 20.86 25.38
N GLU B 451 24.85 21.92 25.18
CA GLU B 451 24.74 22.96 26.19
C GLU B 451 24.07 22.44 27.45
N ILE B 452 22.93 21.76 27.29
CA ILE B 452 22.10 21.39 28.44
C ILE B 452 22.65 20.18 29.18
N GLU B 453 23.37 19.29 28.49
CA GLU B 453 24.05 18.15 29.14
C GLU B 453 25.42 18.00 28.49
N PRO B 454 26.42 18.73 28.99
CA PRO B 454 27.74 18.71 28.36
C PRO B 454 28.39 17.33 28.41
N ARG B 455 29.30 17.08 27.46
N ARG B 455 29.30 17.08 27.46
CA ARG B 455 30.07 15.84 27.46
CA ARG B 455 30.07 15.84 27.46
C ARG B 455 30.89 15.70 28.73
C ARG B 455 30.88 15.70 28.74
N ASN B 456 30.93 14.49 29.27
CA ASN B 456 31.83 14.24 30.39
C ASN B 456 33.27 14.51 29.97
N PRO B 457 34.11 15.02 30.87
CA PRO B 457 33.87 15.26 32.30
C PRO B 457 33.39 16.67 32.64
N LYS B 458 32.86 17.42 31.67
CA LYS B 458 32.32 18.72 31.97
C LYS B 458 31.16 18.60 32.95
N PRO B 459 31.09 19.45 33.96
CA PRO B 459 30.00 19.34 34.95
C PRO B 459 28.65 19.70 34.34
N LEU B 460 27.61 19.14 34.95
CA LEU B 460 26.25 19.43 34.52
C LEU B 460 25.81 20.78 35.09
N PRO B 461 25.49 21.75 34.26
CA PRO B 461 25.02 23.05 34.75
C PRO B 461 23.55 22.96 35.18
N ARG B 462 23.11 24.03 35.85
CA ARG B 462 21.70 24.24 36.18
C ARG B 462 21.14 25.33 35.29
N PHE B 463 19.84 25.25 35.01
CA PHE B 463 19.17 26.21 34.15
C PHE B 463 17.84 26.64 34.76
N PRO B 464 17.42 27.88 34.54
CA PRO B 464 16.14 28.33 35.11
C PRO B 464 14.95 27.74 34.37
N LYS B 465 13.82 27.64 35.10
CA LYS B 465 12.58 27.17 34.51
C LYS B 465 12.09 28.14 33.44
N LYS B 466 11.36 27.60 32.45
CA LYS B 466 10.79 28.42 31.40
C LYS B 466 9.28 28.36 31.33
N TYR B 467 8.62 27.39 31.97
CA TYR B 467 7.17 27.23 31.90
C TYR B 467 6.54 27.79 33.17
N SER B 468 5.51 28.62 33.01
CA SER B 468 4.86 29.23 34.16
C SER B 468 3.61 28.49 34.62
N TYR B 469 3.17 27.48 33.88
CA TYR B 469 1.98 26.71 34.17
C TYR B 469 2.35 25.35 34.74
N PRO B 470 1.39 24.62 35.32
CA PRO B 470 1.72 23.33 35.94
C PRO B 470 2.24 22.32 34.92
N LEU B 471 3.26 21.55 35.34
CA LEU B 471 3.85 20.54 34.50
C LEU B 471 3.18 19.17 34.65
N LYS B 472 2.33 18.99 35.66
CA LYS B 472 1.73 17.70 35.89
C LYS B 472 0.84 17.30 34.72
N SER B 473 1.05 16.10 34.20
CA SER B 473 0.23 15.61 33.10
C SER B 473 -1.18 15.27 33.58
N PRO B 474 -2.21 15.51 32.75
CA PRO B 474 -3.54 14.99 33.10
C PRO B 474 -3.68 13.50 32.83
N GLY B 475 -2.67 12.87 32.23
CA GLY B 475 -2.73 11.44 31.94
C GLY B 475 -3.37 11.16 30.59
N VAL B 476 -3.35 9.88 30.21
CA VAL B 476 -3.86 9.52 28.89
C VAL B 476 -5.06 8.57 28.97
N ARG B 477 -5.70 8.46 30.13
CA ARG B 477 -6.96 7.73 30.13
C ARG B 477 -8.12 8.70 29.90
N PRO B 478 -9.03 8.41 28.98
CA PRO B 478 -10.06 9.40 28.63
C PRO B 478 -11.10 9.55 29.73
N SER B 479 -11.73 10.73 29.75
CA SER B 479 -12.80 11.05 30.68
C SER B 479 -14.14 11.06 29.94
N ASN B 480 -15.23 10.94 30.68
CA ASN B 480 -16.55 10.86 30.06
C ASN B 480 -17.62 11.42 30.97
N PRO B 481 -17.93 12.71 30.85
CA PRO B 481 -19.11 13.27 31.52
C PRO B 481 -20.38 12.87 30.79
N ARG B 482 -21.52 13.11 31.45
CA ARG B 482 -22.78 12.73 30.84
C ARG B 482 -23.06 13.63 29.64
N GLY C 1 28.60 -18.43 17.90
CA GLY C 1 29.11 -19.03 16.68
C GLY C 1 29.86 -18.06 15.80
N MET C 2 29.39 -17.89 14.57
CA MET C 2 30.09 -17.03 13.63
C MET C 2 29.73 -15.57 13.88
N THR C 3 30.66 -14.69 13.52
CA THR C 3 30.46 -13.27 13.75
C THR C 3 29.44 -12.72 12.77
N GLU C 4 28.59 -11.83 13.25
CA GLU C 4 27.63 -11.11 12.42
C GLU C 4 28.04 -9.64 12.36
N TYR C 5 28.11 -9.09 11.15
CA TYR C 5 28.43 -7.68 10.95
C TYR C 5 27.18 -6.95 10.50
N LYS C 6 26.86 -5.87 11.20
CA LYS C 6 25.72 -5.03 10.82
C LYS C 6 26.25 -3.88 9.99
N LEU C 7 25.96 -3.91 8.70
CA LEU C 7 26.42 -2.93 7.73
C LEU C 7 25.25 -2.06 7.32
N VAL C 8 25.53 -0.78 7.05
CA VAL C 8 24.50 0.19 6.69
C VAL C 8 24.96 0.92 5.43
N VAL C 9 24.09 0.96 4.43
CA VAL C 9 24.33 1.67 3.17
C VAL C 9 23.67 3.04 3.27
N VAL C 10 24.44 4.10 2.98
CA VAL C 10 23.90 5.45 3.01
C VAL C 10 24.28 6.15 1.72
N GLY C 11 23.47 7.12 1.31
CA GLY C 11 23.79 7.89 0.12
C GLY C 11 22.55 8.45 -0.52
N ALA C 12 22.77 9.36 -1.47
CA ALA C 12 21.68 10.06 -2.15
C ALA C 12 20.73 9.08 -2.84
N GLY C 13 19.45 9.44 -2.86
CA GLY C 13 18.48 8.64 -3.57
C GLY C 13 18.42 8.93 -5.06
N GLY C 14 17.63 8.10 -5.75
CA GLY C 14 17.32 8.30 -7.15
C GLY C 14 18.46 8.05 -8.12
N VAL C 15 19.56 7.45 -7.67
CA VAL C 15 20.70 7.27 -8.56
C VAL C 15 21.27 5.86 -8.45
N GLY C 16 20.41 4.86 -8.20
CA GLY C 16 20.80 3.47 -8.31
C GLY C 16 21.53 2.88 -7.12
N LYS C 17 21.56 3.57 -5.98
CA LYS C 17 22.22 3.06 -4.77
C LYS C 17 21.81 1.63 -4.43
N SER C 18 20.53 1.30 -4.59
CA SER C 18 20.02 0.00 -4.15
C SER C 18 20.61 -1.18 -4.91
N ALA C 19 21.22 -0.95 -6.08
CA ALA C 19 21.74 -2.04 -6.88
C ALA C 19 22.91 -2.72 -6.19
N LEU C 20 23.63 -1.98 -5.33
N LEU C 20 23.62 -2.01 -5.31
CA LEU C 20 24.78 -2.54 -4.63
CA LEU C 20 24.79 -2.57 -4.66
C LEU C 20 24.40 -3.78 -3.84
C LEU C 20 24.43 -3.77 -3.80
N THR C 21 23.44 -3.61 -2.92
CA THR C 21 23.07 -4.71 -2.04
C THR C 21 22.27 -5.78 -2.78
N ILE C 22 21.38 -5.35 -3.70
CA ILE C 22 20.64 -6.31 -4.51
C ILE C 22 21.61 -7.26 -5.22
N GLN C 23 22.65 -6.69 -5.85
CA GLN C 23 23.56 -7.54 -6.62
C GLN C 23 24.39 -8.43 -5.71
N LEU C 24 24.73 -7.96 -4.52
CA LEU C 24 25.44 -8.80 -3.55
C LEU C 24 24.60 -9.96 -3.09
N ILE C 25 23.45 -9.64 -2.49
CA ILE C 25 22.57 -10.63 -1.84
C ILE C 25 21.96 -11.55 -2.87
N GLN C 26 21.78 -11.04 -4.08
CA GLN C 26 21.09 -11.78 -5.12
C GLN C 26 21.69 -13.16 -5.28
N ASN C 27 20.83 -14.10 -5.65
CA ASN C 27 21.25 -15.14 -6.57
C ASN C 27 22.11 -14.42 -7.60
N HIS C 28 23.44 -14.51 -7.47
CA HIS C 28 24.34 -13.81 -8.38
C HIS C 28 23.90 -14.01 -9.82
N PHE C 29 23.54 -15.25 -10.17
CA PHE C 29 23.37 -15.65 -11.56
C PHE C 29 21.92 -15.77 -12.03
N VAL C 30 20.97 -15.32 -11.24
CA VAL C 30 19.60 -15.14 -11.74
C VAL C 30 19.15 -13.75 -11.31
N ASP C 31 18.91 -12.88 -12.29
CA ASP C 31 18.49 -11.51 -12.02
C ASP C 31 17.03 -11.54 -11.60
N GLU C 32 16.81 -11.57 -10.29
CA GLU C 32 15.50 -11.74 -9.65
C GLU C 32 15.63 -11.31 -8.20
N TYR C 33 14.51 -10.87 -7.60
CA TYR C 33 14.57 -10.35 -6.24
C TYR C 33 13.19 -10.15 -5.61
N ASP C 34 13.03 -10.62 -4.38
CA ASP C 34 11.87 -10.27 -3.55
C ASP C 34 12.39 -9.66 -2.25
N PRO C 35 12.34 -8.33 -2.11
CA PRO C 35 12.87 -7.71 -0.88
C PRO C 35 12.01 -7.95 0.34
N THR C 36 10.76 -8.38 0.16
CA THR C 36 9.88 -8.63 1.30
C THR C 36 10.22 -9.94 1.99
N ILE C 37 11.08 -10.75 1.38
CA ILE C 37 11.36 -12.08 1.89
C ILE C 37 12.28 -11.93 3.09
N GLU C 38 11.79 -12.34 4.26
CA GLU C 38 12.57 -12.38 5.48
C GLU C 38 13.98 -12.89 5.18
N ASP C 39 14.96 -12.07 5.53
CA ASP C 39 16.37 -12.37 5.31
C ASP C 39 16.75 -12.32 3.82
N SER C 40 16.21 -11.33 3.12
CA SER C 40 16.69 -10.94 1.80
CA SER C 40 16.70 -10.94 1.80
C SER C 40 17.84 -9.94 1.90
N TYR C 41 18.36 -9.73 3.10
CA TYR C 41 19.40 -8.76 3.42
C TYR C 41 20.40 -9.38 4.38
N ARG C 42 20.42 -10.71 4.46
CA ARG C 42 21.38 -11.47 5.25
C ARG C 42 22.08 -12.45 4.33
N LYS C 43 23.40 -12.53 4.46
CA LYS C 43 24.19 -13.38 3.57
C LYS C 43 25.40 -13.90 4.33
N GLN C 44 25.59 -15.21 4.29
CA GLN C 44 26.76 -15.84 4.87
C GLN C 44 27.88 -15.85 3.83
N VAL C 45 29.04 -15.33 4.21
CA VAL C 45 30.18 -15.18 3.30
C VAL C 45 31.45 -15.66 4.00
N VAL C 46 32.46 -15.95 3.20
CA VAL C 46 33.80 -16.28 3.67
C VAL C 46 34.74 -15.19 3.22
N ILE C 47 35.34 -14.48 4.16
CA ILE C 47 36.22 -13.35 3.88
C ILE C 47 37.57 -13.66 4.51
N ASP C 48 38.60 -13.78 3.68
CA ASP C 48 39.95 -14.14 4.13
C ASP C 48 39.93 -15.44 4.94
N GLY C 49 39.13 -16.39 4.48
CA GLY C 49 39.06 -17.70 5.12
C GLY C 49 38.24 -17.78 6.38
N GLU C 50 37.58 -16.69 6.78
CA GLU C 50 36.78 -16.68 7.99
C GLU C 50 35.32 -16.46 7.62
N THR C 51 34.47 -17.41 7.99
CA THR C 51 33.05 -17.33 7.68
C THR C 51 32.35 -16.36 8.62
N CYS C 52 31.48 -15.52 8.06
CA CYS C 52 30.71 -14.58 8.85
C CYS C 52 29.37 -14.36 8.18
N LEU C 53 28.50 -13.65 8.90
CA LEU C 53 27.17 -13.31 8.43
C LEU C 53 27.06 -11.80 8.26
N LEU C 54 26.67 -11.36 7.07
CA LEU C 54 26.43 -9.95 6.81
C LEU C 54 24.95 -9.65 6.98
N ASP C 55 24.64 -8.66 7.79
CA ASP C 55 23.28 -8.13 7.89
C ASP C 55 23.33 -6.71 7.33
N ILE C 56 22.68 -6.48 6.19
CA ILE C 56 22.82 -5.22 5.48
C ILE C 56 21.52 -4.43 5.58
N LEU C 57 21.61 -3.20 6.08
CA LEU C 57 20.48 -2.29 6.11
C LEU C 57 20.62 -1.32 4.94
N ASP C 58 19.67 -1.35 4.01
CA ASP C 58 19.64 -0.40 2.90
C ASP C 58 18.22 0.13 2.84
N THR C 59 18.02 1.36 3.32
CA THR C 59 16.69 1.96 3.35
C THR C 59 16.42 2.78 2.08
N ALA C 60 17.08 2.44 0.98
CA ALA C 60 16.85 3.08 -0.30
C ALA C 60 15.36 3.32 -0.53
N GLY C 61 15.02 4.54 -0.95
CA GLY C 61 13.64 4.95 -1.12
C GLY C 61 13.09 5.77 0.04
N GLN C 62 13.75 5.73 1.20
CA GLN C 62 13.28 6.46 2.37
C GLN C 62 14.06 7.75 2.60
N GLU C 63 14.74 8.26 1.56
CA GLU C 63 15.66 9.38 1.77
C GLU C 63 14.95 10.63 2.28
N GLU C 64 13.67 10.80 1.94
CA GLU C 64 12.96 12.00 2.38
C GLU C 64 12.62 11.95 3.87
N TYR C 65 12.66 10.77 4.50
CA TYR C 65 12.52 10.66 5.96
C TYR C 65 13.84 11.03 6.64
N SER C 66 14.23 12.29 6.48
CA SER C 66 15.57 12.69 6.90
C SER C 66 15.76 12.67 8.41
N ALA C 67 14.69 12.77 9.20
CA ALA C 67 14.86 12.74 10.65
C ALA C 67 14.98 11.31 11.19
N MET C 68 14.85 10.30 10.34
CA MET C 68 15.07 8.91 10.71
C MET C 68 16.49 8.43 10.45
N ARG C 69 17.32 9.25 9.80
CA ARG C 69 18.66 8.80 9.43
C ARG C 69 19.48 8.43 10.67
N ASP C 70 19.43 9.26 11.71
CA ASP C 70 20.20 8.96 12.93
C ASP C 70 19.84 7.58 13.45
N GLN C 71 18.54 7.29 13.56
CA GLN C 71 18.11 6.01 14.11
C GLN C 71 18.59 4.84 13.27
N TYR C 72 18.43 4.93 11.94
CA TYR C 72 18.91 3.89 11.04
C TYR C 72 20.42 3.73 11.14
N MET C 73 21.16 4.85 11.17
CA MET C 73 22.62 4.79 11.21
C MET C 73 23.12 4.16 12.51
N ARG C 74 22.44 4.42 13.64
CA ARG C 74 22.99 3.93 14.89
C ARG C 74 23.00 2.40 14.94
N THR C 75 22.20 1.73 14.11
CA THR C 75 22.21 0.27 14.12
C THR C 75 23.50 -0.32 13.54
N GLY C 76 24.31 0.45 12.84
CA GLY C 76 25.42 -0.09 12.06
C GLY C 76 26.77 -0.10 12.77
N GLU C 77 27.58 -1.11 12.44
CA GLU C 77 29.00 -1.14 12.82
C GLU C 77 29.92 -0.61 11.74
N GLY C 78 29.52 -0.74 10.47
CA GLY C 78 30.29 -0.20 9.37
C GLY C 78 29.35 0.33 8.31
N PHE C 79 29.85 1.27 7.52
CA PHE C 79 29.00 2.04 6.61
C PHE C 79 29.60 2.06 5.21
N LEU C 80 28.74 1.85 4.21
CA LEU C 80 29.08 2.11 2.83
C LEU C 80 28.46 3.44 2.45
N CYS C 81 29.29 4.42 2.13
CA CYS C 81 28.84 5.74 1.71
C CYS C 81 28.89 5.78 0.19
N VAL C 82 27.72 5.80 -0.44
CA VAL C 82 27.59 5.54 -1.88
C VAL C 82 27.20 6.82 -2.59
N PHE C 83 27.92 7.16 -3.67
CA PHE C 83 27.48 8.20 -4.59
C PHE C 83 27.48 7.60 -6.00
N ALA C 84 26.83 8.30 -6.92
CA ALA C 84 26.79 7.89 -8.33
C ALA C 84 27.84 8.70 -9.10
N ILE C 85 28.63 8.01 -9.93
CA ILE C 85 29.72 8.70 -10.62
C ILE C 85 29.23 9.64 -11.70
N ASN C 86 27.94 9.62 -12.05
CA ASN C 86 27.41 10.61 -12.98
C ASN C 86 26.52 11.63 -12.29
N ASN C 87 26.65 11.78 -10.96
CA ASN C 87 25.82 12.76 -10.24
C ASN C 87 26.72 13.47 -9.22
N THR C 88 27.20 14.66 -9.59
N THR C 88 27.19 14.67 -9.59
CA THR C 88 28.14 15.39 -8.75
CA THR C 88 28.14 15.39 -8.74
C THR C 88 27.52 15.75 -7.40
C THR C 88 27.53 15.78 -7.40
N LYS C 89 26.24 16.11 -7.38
CA LYS C 89 25.60 16.45 -6.11
C LYS C 89 25.70 15.29 -5.12
N SER C 90 25.44 14.06 -5.58
CA SER C 90 25.51 12.90 -4.67
C SER C 90 26.93 12.72 -4.13
N PHE C 91 27.94 13.09 -4.93
CA PHE C 91 29.31 13.06 -4.45
C PHE C 91 29.55 14.16 -3.42
N GLU C 92 29.00 15.35 -3.67
CA GLU C 92 29.16 16.46 -2.73
C GLU C 92 28.43 16.18 -1.41
N ASP C 93 27.39 15.35 -1.43
CA ASP C 93 26.67 14.98 -0.22
C ASP C 93 27.51 14.12 0.73
N ILE C 94 28.58 13.50 0.24
CA ILE C 94 29.29 12.49 1.03
C ILE C 94 29.81 13.08 2.34
N HIS C 95 30.38 14.29 2.27
CA HIS C 95 30.96 14.91 3.47
C HIS C 95 29.95 14.95 4.61
N GLN C 96 28.72 15.37 4.33
CA GLN C 96 27.74 15.47 5.41
C GLN C 96 27.26 14.11 5.89
N TYR C 97 27.19 13.11 5.00
CA TYR C 97 26.88 11.76 5.46
C TYR C 97 27.93 11.26 6.45
N ARG C 98 29.22 11.48 6.12
CA ARG C 98 30.27 11.00 7.00
C ARG C 98 30.25 11.73 8.33
N GLU C 99 30.01 13.04 8.29
CA GLU C 99 29.94 13.80 9.54
C GLU C 99 28.78 13.33 10.40
N GLN C 100 27.67 12.97 9.76
CA GLN C 100 26.50 12.52 10.52
C GLN C 100 26.75 11.14 11.14
N ILE C 101 27.43 10.25 10.40
CA ILE C 101 27.77 8.94 10.95
C ILE C 101 28.67 9.09 12.18
N LYS C 102 29.68 9.96 12.07
CA LYS C 102 30.59 10.19 13.18
C LYS C 102 29.86 10.71 14.41
N ARG C 103 28.90 11.60 14.20
CA ARG C 103 28.13 12.13 15.32
C ARG C 103 27.27 11.04 15.94
N VAL C 104 26.54 10.28 15.10
CA VAL C 104 25.63 9.25 15.60
C VAL C 104 26.40 8.18 16.37
N LYS C 105 27.56 7.77 15.84
CA LYS C 105 28.36 6.76 16.51
C LYS C 105 29.25 7.32 17.61
N ASP C 106 29.32 8.66 17.74
CA ASP C 106 30.15 9.34 18.74
C ASP C 106 31.60 8.84 18.67
N SER C 107 32.13 8.82 17.46
CA SER C 107 33.51 8.40 17.24
C SER C 107 34.06 9.12 16.01
N ASP C 108 35.34 9.45 16.05
CA ASP C 108 36.00 10.01 14.89
C ASP C 108 36.54 8.95 13.94
N ASP C 109 36.44 7.66 14.32
CA ASP C 109 37.04 6.57 13.56
C ASP C 109 36.02 5.44 13.43
N VAL C 110 35.05 5.64 12.55
CA VAL C 110 33.99 4.66 12.29
C VAL C 110 34.35 3.89 11.03
N PRO C 111 34.32 2.57 11.04
CA PRO C 111 34.61 1.80 9.81
C PRO C 111 33.68 2.20 8.69
N MET C 112 34.26 2.65 7.58
CA MET C 112 33.45 3.02 6.43
C MET C 112 34.28 2.95 5.16
N VAL C 113 33.59 2.80 4.04
CA VAL C 113 34.20 2.80 2.73
C VAL C 113 33.43 3.77 1.85
N LEU C 114 34.13 4.39 0.91
CA LEU C 114 33.53 5.25 -0.09
C LEU C 114 33.28 4.42 -1.34
N VAL C 115 32.06 4.47 -1.88
CA VAL C 115 31.69 3.67 -3.04
C VAL C 115 31.19 4.61 -4.14
N GLY C 116 31.86 4.57 -5.29
CA GLY C 116 31.42 5.25 -6.47
C GLY C 116 30.71 4.26 -7.38
N ASN C 117 29.43 4.49 -7.62
CA ASN C 117 28.54 3.54 -8.29
C ASN C 117 28.22 4.01 -9.69
N LYS C 118 28.42 3.14 -10.69
N LYS C 118 28.44 3.16 -10.69
CA LYS C 118 28.08 3.40 -12.08
CA LYS C 118 28.09 3.46 -12.08
C LYS C 118 26.69 2.83 -12.34
C LYS C 118 26.71 2.84 -12.33
N CYS C 119 25.68 3.69 -12.34
CA CYS C 119 24.30 3.22 -12.41
C CYS C 119 23.70 3.26 -13.79
N ASP C 120 24.34 3.89 -14.76
CA ASP C 120 23.88 3.81 -16.15
C ASP C 120 25.03 4.22 -17.06
N LEU C 121 24.70 4.43 -18.34
CA LEU C 121 25.69 4.79 -19.35
C LEU C 121 25.77 6.29 -19.58
N ALA C 122 25.05 7.10 -18.80
CA ALA C 122 25.21 8.54 -18.86
C ALA C 122 26.64 8.93 -18.51
N ALA C 123 27.04 10.12 -18.96
CA ALA C 123 28.44 10.51 -18.89
C ALA C 123 28.89 10.63 -17.43
N ARG C 124 30.05 10.06 -17.13
CA ARG C 124 30.62 10.22 -15.80
C ARG C 124 30.96 11.68 -15.54
N THR C 125 30.66 12.18 -14.33
CA THR C 125 30.99 13.54 -13.97
C THR C 125 31.92 13.66 -12.78
N VAL C 126 32.11 12.57 -12.02
CA VAL C 126 33.07 12.51 -10.93
C VAL C 126 34.20 11.59 -11.38
N GLU C 127 35.38 12.14 -11.58
CA GLU C 127 36.50 11.31 -11.98
C GLU C 127 37.02 10.52 -10.79
N SER C 128 37.63 9.37 -11.08
CA SER C 128 38.08 8.53 -9.98
C SER C 128 39.16 9.22 -9.16
N ARG C 129 39.99 10.06 -9.79
CA ARG C 129 41.00 10.77 -9.02
C ARG C 129 40.38 11.69 -7.98
N GLN C 130 39.27 12.37 -8.32
CA GLN C 130 38.59 13.20 -7.33
C GLN C 130 38.12 12.37 -6.15
N ALA C 131 37.55 11.20 -6.42
CA ALA C 131 37.01 10.37 -5.36
C ALA C 131 38.13 9.71 -4.55
N GLN C 132 39.23 9.33 -5.20
CA GLN C 132 40.38 8.82 -4.46
C GLN C 132 40.94 9.88 -3.51
N ASP C 133 41.06 11.11 -4.00
CA ASP C 133 41.57 12.19 -3.15
C ASP C 133 40.67 12.39 -1.93
N LEU C 134 39.35 12.35 -2.14
CA LEU C 134 38.43 12.52 -1.02
C LEU C 134 38.57 11.40 0.00
N ALA C 135 38.60 10.15 -0.48
CA ALA C 135 38.76 9.00 0.42
C ALA C 135 40.09 9.07 1.17
N ARG C 136 41.17 9.46 0.51
CA ARG C 136 42.45 9.60 1.20
C ARG C 136 42.39 10.68 2.27
N SER C 137 41.69 11.79 1.98
CA SER C 137 41.59 12.85 2.98
C SER C 137 40.85 12.37 4.22
N TYR C 138 39.96 11.39 4.08
CA TYR C 138 39.24 10.78 5.19
C TYR C 138 39.95 9.58 5.80
N GLY C 139 40.96 9.04 5.13
CA GLY C 139 41.59 7.82 5.62
C GLY C 139 40.78 6.56 5.39
N ILE C 140 40.00 6.48 4.32
CA ILE C 140 39.12 5.33 4.10
C ILE C 140 39.35 4.80 2.68
N PRO C 141 38.98 3.53 2.45
CA PRO C 141 39.11 2.96 1.10
C PRO C 141 38.08 3.52 0.13
N TYR C 142 38.42 3.47 -1.16
CA TYR C 142 37.53 3.82 -2.25
C TYR C 142 37.35 2.62 -3.16
N ILE C 143 36.11 2.27 -3.48
CA ILE C 143 35.78 1.17 -4.39
C ILE C 143 34.79 1.69 -5.42
N GLU C 144 35.01 1.36 -6.70
CA GLU C 144 34.01 1.66 -7.73
C GLU C 144 33.28 0.39 -8.12
N THR C 145 31.98 0.53 -8.36
CA THR C 145 31.11 -0.61 -8.63
C THR C 145 30.25 -0.32 -9.85
N SER C 146 29.85 -1.38 -10.55
CA SER C 146 28.88 -1.27 -11.62
C SER C 146 27.54 -1.74 -11.11
N ALA C 147 26.48 -0.98 -11.40
CA ALA C 147 25.13 -1.39 -11.02
C ALA C 147 24.56 -2.44 -11.94
N LYS C 148 25.30 -2.84 -12.98
CA LYS C 148 24.77 -3.76 -13.97
C LYS C 148 25.58 -5.04 -14.13
N THR C 149 26.90 -5.00 -13.93
CA THR C 149 27.74 -6.16 -14.19
C THR C 149 28.20 -6.85 -12.92
N ARG C 150 27.84 -6.34 -11.75
CA ARG C 150 28.26 -6.79 -10.43
C ARG C 150 29.74 -6.53 -10.16
N GLN C 151 30.48 -5.89 -11.06
CA GLN C 151 31.88 -5.60 -10.79
C GLN C 151 32.01 -4.68 -9.58
N GLY C 152 32.99 -4.99 -8.73
CA GLY C 152 33.27 -4.18 -7.55
C GLY C 152 32.38 -4.44 -6.36
N VAL C 153 31.27 -5.15 -6.53
CA VAL C 153 30.29 -5.27 -5.47
C VAL C 153 30.85 -6.05 -4.28
N GLU C 154 31.41 -7.23 -4.54
N GLU C 154 31.38 -7.24 -4.54
CA GLU C 154 31.98 -8.01 -3.45
CA GLU C 154 31.99 -8.02 -3.47
C GLU C 154 33.15 -7.28 -2.79
C GLU C 154 33.11 -7.23 -2.79
N ASP C 155 33.96 -6.60 -3.60
CA ASP C 155 35.08 -5.82 -3.05
C ASP C 155 34.59 -4.73 -2.09
N ALA C 156 33.51 -4.04 -2.44
CA ALA C 156 33.00 -2.98 -1.56
C ALA C 156 32.63 -3.54 -0.19
N PHE C 157 31.87 -4.64 -0.17
CA PHE C 157 31.41 -5.18 1.12
C PHE C 157 32.54 -5.85 1.87
N TYR C 158 33.39 -6.61 1.19
CA TYR C 158 34.49 -7.30 1.86
C TYR C 158 35.51 -6.32 2.40
N THR C 159 35.80 -5.25 1.65
CA THR C 159 36.72 -4.23 2.15
C THR C 159 36.17 -3.61 3.43
N LEU C 160 34.87 -3.32 3.48
CA LEU C 160 34.28 -2.78 4.69
C LEU C 160 34.41 -3.75 5.87
N VAL C 161 34.17 -5.04 5.63
CA VAL C 161 34.34 -6.01 6.72
C VAL C 161 35.79 -6.01 7.21
N ARG C 162 36.76 -5.90 6.30
CA ARG C 162 38.16 -5.83 6.73
C ARG C 162 38.41 -4.58 7.56
N GLU C 163 37.78 -3.46 7.21
CA GLU C 163 37.89 -2.25 8.02
C GLU C 163 37.36 -2.47 9.44
N ILE C 164 36.25 -3.21 9.56
CA ILE C 164 35.72 -3.51 10.89
C ILE C 164 36.69 -4.42 11.64
N ARG C 165 37.16 -5.47 10.98
CA ARG C 165 38.04 -6.44 11.65
C ARG C 165 39.34 -5.80 12.11
N GLN C 166 39.82 -4.80 11.39
CA GLN C 166 41.09 -4.17 11.68
C GLN C 166 40.95 -2.88 12.47
N HIS C 167 39.74 -2.55 12.92
CA HIS C 167 39.52 -1.31 13.65
C HIS C 167 40.30 -1.31 14.96
#